data_2POD
#
_entry.id   2POD
#
_cell.length_a   146.771
_cell.length_b   146.771
_cell.length_c   85.531
_cell.angle_alpha   90.00
_cell.angle_beta   90.00
_cell.angle_gamma   90.00
#
_symmetry.space_group_name_H-M   'I 4'
#
loop_
_entity.id
_entity.type
_entity.pdbx_description
1 polymer 'Mandelate racemase / muconate lactonizing enzyme'
2 non-polymer 'SODIUM ION'
3 water water
#
_entity_poly.entity_id   1
_entity_poly.type   'polypeptide(L)'
_entity_poly.pdbx_seq_one_letter_code
;(MSE)SLKITEIETLRPEEFPNLLWVLVHTDEGITGLGETFYGACSAEAYIHEWAANRLIGEDPLQIDRHAKRLSGYLGF
RSAGAE(MSE)RGNSALDIALWDIFGKATGQPIYQLLGGKCRDTIRTYNTCAGPHYVRTAKQQSVANWGLANSVSARYDD
LNAFLHRADELALDLLDSGITA(MSE)KIWPFDPYAEASDGYYISKSDLKRALEPFEKIRRAVGDK(MSE)DV(MSE)VE
FHSLWNLPPALQIAEALREYETFWHEDPIR(MSE)DSLSSLKRYAERSLAPVCASETLATRWGFRDLLETNAAGIV
(MSE)LDISWCGGLSEARKIAS(MSE)AEAWHLPVAPHDCTGPVVLTASTHLSLNAPNALVQESVRAFYDGWYRDLVTAL
PTVKDGHITVPDGPGLGLEL(MSE)PDIRERLTIAVRNTSDCEGHHHHHH
;
_entity_poly.pdbx_strand_id   A,B
#
# COMPACT_ATOMS: atom_id res chain seq x y z
N SER A 2 -11.58 7.09 -32.83
CA SER A 2 -11.49 6.90 -31.34
C SER A 2 -10.23 7.54 -30.76
N LEU A 3 -10.27 7.84 -29.47
CA LEU A 3 -9.28 8.66 -28.79
C LEU A 3 -7.95 7.93 -28.54
N LYS A 4 -6.85 8.68 -28.54
CA LYS A 4 -5.55 8.21 -28.03
C LYS A 4 -5.02 9.17 -26.98
N ILE A 5 -4.46 8.64 -25.89
CA ILE A 5 -3.88 9.48 -24.82
C ILE A 5 -2.51 10.01 -25.26
N THR A 6 -2.35 11.33 -25.22
CA THR A 6 -1.14 12.01 -25.67
C THR A 6 -0.24 12.44 -24.50
N GLU A 7 -0.85 13.00 -23.46
CA GLU A 7 -0.13 13.71 -22.41
C GLU A 7 -0.82 13.54 -21.05
N ILE A 8 -0.03 13.28 -20.01
CA ILE A 8 -0.49 13.38 -18.63
C ILE A 8 0.21 14.52 -17.90
N GLU A 9 -0.57 15.42 -17.31
CA GLU A 9 -0.05 16.47 -16.45
C GLU A 9 -0.47 16.23 -15.01
N THR A 10 0.47 16.38 -14.08
CA THR A 10 0.11 16.50 -12.67
C THR A 10 0.30 17.91 -12.15
N LEU A 11 -0.61 18.33 -11.27
CA LEU A 11 -0.51 19.64 -10.65
C LEU A 11 -0.45 19.47 -9.13
N ARG A 12 0.61 20.00 -8.52
CA ARG A 12 0.69 20.10 -7.06
C ARG A 12 0.61 21.54 -6.58
N PRO A 13 -0.59 21.99 -6.17
CA PRO A 13 -0.75 23.34 -5.60
C PRO A 13 -0.06 23.51 -4.25
N GLU A 14 0.79 24.53 -4.16
CA GLU A 14 1.68 24.72 -3.01
C GLU A 14 0.94 25.11 -1.73
N GLU A 15 -0.19 25.78 -1.88
CA GLU A 15 -0.99 26.26 -0.75
C GLU A 15 -1.96 25.21 -0.18
N PHE A 16 -2.27 24.20 -0.98
CA PHE A 16 -2.89 22.96 -0.47
C PHE A 16 -1.99 21.76 -0.73
N PRO A 17 -0.95 21.56 0.10
CA PRO A 17 0.11 20.60 -0.21
C PRO A 17 -0.27 19.11 -0.16
N ASN A 18 -1.45 18.76 0.33
CA ASN A 18 -1.92 17.37 0.26
C ASN A 18 -2.64 17.04 -1.04
N LEU A 19 -3.02 18.08 -1.78
CA LEU A 19 -3.85 17.96 -2.98
C LEU A 19 -3.02 17.59 -4.20
N LEU A 20 -3.54 16.67 -5.01
CA LEU A 20 -2.97 16.40 -6.31
C LEU A 20 -4.06 16.37 -7.37
N TRP A 21 -3.91 17.19 -8.40
CA TRP A 21 -4.72 17.05 -9.60
C TRP A 21 -3.98 16.31 -10.70
N VAL A 22 -4.71 15.54 -11.48
CA VAL A 22 -4.19 14.98 -12.73
C VAL A 22 -5.02 15.47 -13.91
N LEU A 23 -4.32 15.74 -15.01
CA LEU A 23 -4.93 16.02 -16.32
C LEU A 23 -4.47 14.95 -17.30
N VAL A 24 -5.44 14.30 -17.93
CA VAL A 24 -5.15 13.39 -19.04
C VAL A 24 -5.60 14.04 -20.36
N HIS A 25 -4.67 14.18 -21.28
CA HIS A 25 -4.92 14.82 -22.57
C HIS A 25 -5.03 13.79 -23.69
N THR A 26 -5.91 14.06 -24.65
CA THR A 26 -6.01 13.24 -25.86
C THR A 26 -5.77 14.03 -27.15
N ASP A 27 -5.58 13.28 -28.24
CA ASP A 27 -5.39 13.84 -29.58
C ASP A 27 -6.56 14.69 -30.13
N GLU A 28 -7.78 14.39 -29.69
CA GLU A 28 -8.97 15.16 -30.08
C GLU A 28 -9.28 16.32 -29.14
N GLY A 29 -8.40 16.56 -28.17
CA GLY A 29 -8.51 17.74 -27.31
C GLY A 29 -9.46 17.57 -26.14
N ILE A 30 -9.83 16.31 -25.88
CA ILE A 30 -10.65 15.97 -24.71
C ILE A 30 -9.73 15.76 -23.50
N THR A 31 -9.97 16.55 -22.46
CA THR A 31 -9.11 16.56 -21.28
C THR A 31 -9.87 16.10 -20.05
N GLY A 32 -9.36 15.06 -19.38
CA GLY A 32 -9.95 14.55 -18.13
C GLY A 32 -9.30 15.10 -16.88
N LEU A 33 -10.11 15.38 -15.87
CA LEU A 33 -9.64 15.85 -14.57
C LEU A 33 -9.76 14.76 -13.49
N GLY A 34 -8.62 14.37 -12.92
CA GLY A 34 -8.61 13.53 -11.74
C GLY A 34 -8.02 14.22 -10.51
N GLU A 35 -8.16 13.56 -9.36
CA GLU A 35 -7.76 14.13 -8.08
C GLU A 35 -7.52 13.03 -7.05
N THR A 36 -6.44 13.17 -6.28
CA THR A 36 -6.32 12.47 -5.00
C THR A 36 -5.84 13.37 -3.85
N PHE A 37 -5.63 12.78 -2.68
CA PHE A 37 -5.30 13.53 -1.47
C PHE A 37 -4.36 12.73 -0.55
N TYR A 38 -3.51 13.47 0.19
CA TYR A 38 -2.34 12.94 0.93
C TYR A 38 -1.22 12.36 0.08
N GLY A 39 0.03 12.62 0.50
CA GLY A 39 1.22 12.09 -0.16
C GLY A 39 1.28 12.48 -1.63
N ALA A 40 1.01 13.75 -1.89
CA ALA A 40 0.99 14.29 -3.26
C ALA A 40 2.24 13.97 -4.07
N CYS A 41 3.41 14.19 -3.48
CA CYS A 41 4.69 13.98 -4.19
C CYS A 41 4.93 12.54 -4.59
N SER A 42 4.57 11.61 -3.69
CA SER A 42 4.80 10.19 -3.94
C SER A 42 3.81 9.61 -4.95
N ALA A 43 2.56 10.09 -4.91
CA ALA A 43 1.60 9.77 -5.95
C ALA A 43 2.04 10.33 -7.32
N GLU A 44 2.38 11.61 -7.37
CA GLU A 44 2.92 12.26 -8.59
C GLU A 44 4.14 11.54 -9.15
N ALA A 45 5.06 11.15 -8.27
CA ALA A 45 6.28 10.49 -8.69
C ALA A 45 5.98 9.14 -9.31
N TYR A 46 4.99 8.44 -8.76
CA TYR A 46 4.57 7.14 -9.25
C TYR A 46 3.97 7.25 -10.64
N ILE A 47 3.06 8.22 -10.83
CA ILE A 47 2.41 8.35 -12.13
C ILE A 47 3.35 8.66 -13.29
N HIS A 48 4.35 9.49 -13.05
CA HIS A 48 5.41 9.71 -14.02
C HIS A 48 6.45 8.60 -14.15
N GLU A 49 6.73 7.90 -13.04
CA GLU A 49 7.73 6.84 -13.08
C GLU A 49 7.24 5.58 -13.78
N TRP A 50 5.96 5.25 -13.58
CA TRP A 50 5.42 3.97 -14.03
C TRP A 50 4.12 4.09 -14.83
N ALA A 51 3.16 4.83 -14.29
CA ALA A 51 1.77 4.71 -14.73
C ALA A 51 1.52 5.38 -16.08
N ALA A 52 2.06 6.58 -16.26
CA ALA A 52 1.93 7.33 -17.51
C ALA A 52 2.39 6.59 -18.76
N ASN A 53 3.48 5.85 -18.65
CA ASN A 53 4.02 5.11 -19.80
C ASN A 53 3.20 3.88 -20.17
N ARG A 54 2.32 3.48 -19.27
CA ARG A 54 1.42 2.37 -19.55
C ARG A 54 0.09 2.81 -20.14
N LEU A 55 -0.19 4.11 -20.11
CA LEU A 55 -1.40 4.59 -20.74
C LEU A 55 -1.30 5.66 -21.83
N ILE A 56 -0.12 6.26 -21.99
CA ILE A 56 0.19 7.08 -23.16
C ILE A 56 0.23 6.23 -24.43
N GLY A 57 -0.56 6.63 -25.42
CA GLY A 57 -0.76 5.82 -26.63
C GLY A 57 -2.14 5.16 -26.70
N GLU A 58 -2.72 4.89 -25.54
CA GLU A 58 -3.87 3.99 -25.44
C GLU A 58 -5.20 4.74 -25.56
N ASP A 59 -6.25 4.02 -25.94
CA ASP A 59 -7.64 4.44 -25.77
C ASP A 59 -7.98 4.64 -24.28
N PRO A 60 -8.36 5.89 -23.90
CA PRO A 60 -8.77 6.22 -22.53
C PRO A 60 -10.10 5.59 -22.11
N LEU A 61 -10.86 5.10 -23.09
CA LEU A 61 -12.20 4.56 -22.85
C LEU A 61 -12.13 3.11 -22.36
N GLN A 62 -10.97 2.48 -22.56
CA GLN A 62 -10.71 1.13 -22.06
C GLN A 62 -10.41 1.12 -20.55
N ILE A 63 -11.43 1.49 -19.77
CA ILE A 63 -11.27 1.94 -18.40
C ILE A 63 -11.01 0.76 -17.46
N ASP A 64 -11.77 -0.32 -17.63
CA ASP A 64 -11.55 -1.57 -16.91
C ASP A 64 -10.20 -2.21 -17.23
N ARG A 65 -9.83 -2.22 -18.51
CA ARG A 65 -8.52 -2.72 -18.94
C ARG A 65 -7.37 -1.96 -18.27
N HIS A 66 -7.45 -0.63 -18.25
CA HIS A 66 -6.42 0.21 -17.63
C HIS A 66 -6.29 0.06 -16.12
N ALA A 67 -7.43 0.03 -15.41
CA ALA A 67 -7.45 -0.24 -13.96
C ALA A 67 -6.74 -1.56 -13.59
N LYS A 68 -7.01 -2.60 -14.36
CA LYS A 68 -6.31 -3.88 -14.23
C LYS A 68 -4.83 -3.81 -14.62
N ARG A 69 -4.55 -3.10 -15.73
CA ARG A 69 -3.16 -2.90 -16.19
C ARG A 69 -2.30 -2.08 -15.23
N LEU A 70 -2.92 -1.11 -14.57
CA LEU A 70 -2.23 -0.26 -13.62
C LEU A 70 -2.14 -0.86 -12.21
N SER A 71 -2.72 -2.04 -12.01
CA SER A 71 -2.57 -2.78 -10.77
C SER A 71 -1.19 -3.44 -10.73
N GLY A 72 -0.26 -2.82 -10.03
CA GLY A 72 1.16 -3.15 -10.15
C GLY A 72 1.54 -4.33 -9.28
N TYR A 73 2.82 -4.69 -9.34
CA TYR A 73 3.34 -5.85 -8.61
C TYR A 73 3.29 -5.71 -7.09
N LEU A 74 3.39 -4.47 -6.59
CA LEU A 74 3.45 -4.18 -5.16
C LEU A 74 2.54 -3.02 -4.82
N GLY A 75 2.01 -3.02 -3.60
CA GLY A 75 1.12 -1.95 -3.16
C GLY A 75 -0.36 -2.09 -3.52
N PHE A 76 -0.75 -3.26 -4.05
CA PHE A 76 -2.15 -3.52 -4.45
C PHE A 76 -3.15 -3.75 -3.29
N ARG A 77 -2.63 -4.05 -2.10
CA ARG A 77 -3.48 -4.47 -0.97
C ARG A 77 -3.80 -3.32 -0.01
N SER A 78 -3.37 -2.11 -0.37
CA SER A 78 -3.63 -0.92 0.46
C SER A 78 -3.75 0.34 -0.37
N ALA A 79 -4.04 1.44 0.31
CA ALA A 79 -4.20 2.76 -0.31
C ALA A 79 -2.88 3.55 -0.37
N GLY A 80 -1.82 2.90 -0.82
CA GLY A 80 -0.51 3.55 -0.96
C GLY A 80 -0.44 4.48 -2.16
N ALA A 81 0.76 5.00 -2.44
CA ALA A 81 0.95 6.06 -3.45
C ALA A 81 0.60 5.58 -4.86
N GLU A 82 1.06 4.38 -5.20
CA GLU A 82 0.59 3.63 -6.37
C GLU A 82 -0.94 3.61 -6.50
N ARG A 84 -3.26 5.53 -4.92
CA ARG A 84 -3.84 6.87 -4.98
C ARG A 84 -3.62 7.52 -6.34
N GLY A 85 -2.46 7.26 -6.94
CA GLY A 85 -2.14 7.70 -8.29
C GLY A 85 -3.00 7.01 -9.32
N ASN A 86 -3.19 5.71 -9.16
CA ASN A 86 -4.10 4.95 -10.01
C ASN A 86 -5.54 5.44 -9.93
N SER A 87 -5.94 5.87 -8.74
CA SER A 87 -7.31 6.27 -8.50
C SER A 87 -7.62 7.61 -9.14
N ALA A 88 -6.66 8.53 -9.09
CA ALA A 88 -6.82 9.86 -9.69
C ALA A 88 -6.88 9.78 -11.22
N LEU A 89 -5.97 9.00 -11.80
CA LEU A 89 -5.97 8.64 -13.21
C LEU A 89 -7.32 8.10 -13.69
N ASP A 90 -7.91 7.27 -12.84
CA ASP A 90 -9.16 6.62 -13.12
C ASP A 90 -10.34 7.60 -13.15
N ILE A 91 -10.38 8.53 -12.20
CA ILE A 91 -11.42 9.59 -12.19
C ILE A 91 -11.40 10.41 -13.50
N ALA A 92 -10.20 10.76 -13.93
CA ALA A 92 -9.98 11.50 -15.18
C ALA A 92 -10.44 10.72 -16.41
N LEU A 93 -10.20 9.41 -16.42
CA LEU A 93 -10.65 8.53 -17.51
C LEU A 93 -12.17 8.50 -17.61
N TRP A 94 -12.82 8.49 -16.45
CA TRP A 94 -14.28 8.65 -16.38
C TRP A 94 -14.77 10.02 -16.87
N ASP A 95 -13.99 11.07 -16.58
CA ASP A 95 -14.27 12.43 -17.06
C ASP A 95 -14.20 12.51 -18.59
N ILE A 96 -13.15 11.89 -19.16
CA ILE A 96 -13.03 11.71 -20.62
C ILE A 96 -14.21 10.97 -21.22
N PHE A 97 -14.52 9.79 -20.66
CA PHE A 97 -15.64 8.94 -21.07
C PHE A 97 -16.93 9.76 -21.17
N GLY A 98 -17.21 10.52 -20.12
CA GLY A 98 -18.36 11.42 -20.09
C GLY A 98 -18.39 12.50 -21.17
N LYS A 99 -17.23 13.10 -21.42
CA LYS A 99 -17.13 14.19 -22.39
C LYS A 99 -17.24 13.67 -23.83
N ALA A 100 -16.67 12.48 -24.05
CA ALA A 100 -16.72 11.80 -25.35
C ALA A 100 -18.13 11.33 -25.75
N THR A 101 -18.99 11.11 -24.76
CA THR A 101 -20.33 10.54 -24.99
C THR A 101 -21.43 11.55 -24.70
N GLY A 102 -21.06 12.67 -24.10
CA GLY A 102 -22.01 13.70 -23.68
C GLY A 102 -22.75 13.38 -22.40
N GLN A 103 -22.24 12.42 -21.62
CA GLN A 103 -22.97 11.89 -20.49
C GLN A 103 -22.32 12.26 -19.17
N PRO A 104 -23.13 12.57 -18.15
CA PRO A 104 -22.56 12.76 -16.83
C PRO A 104 -22.13 11.40 -16.26
N ILE A 105 -21.19 11.41 -15.32
CA ILE A 105 -20.58 10.17 -14.84
C ILE A 105 -21.61 9.22 -14.23
N TYR A 106 -22.55 9.74 -13.44
CA TYR A 106 -23.65 8.95 -12.89
C TYR A 106 -24.46 8.11 -13.90
N GLN A 107 -24.54 8.60 -15.14
CA GLN A 107 -25.22 7.88 -16.21
C GLN A 107 -24.37 6.73 -16.70
N LEU A 108 -23.07 6.97 -16.82
CA LEU A 108 -22.12 5.96 -17.26
C LEU A 108 -21.94 4.83 -16.24
N LEU A 109 -22.25 5.12 -14.98
CA LEU A 109 -22.26 4.13 -13.92
C LEU A 109 -23.54 3.27 -13.90
N GLY A 110 -24.58 3.71 -14.62
CA GLY A 110 -25.80 2.94 -14.79
C GLY A 110 -27.06 3.74 -14.51
N GLY A 111 -26.92 5.06 -14.43
CA GLY A 111 -28.06 5.96 -14.26
C GLY A 111 -28.24 6.38 -12.82
N LYS A 112 -28.89 7.52 -12.59
CA LYS A 112 -29.25 7.93 -11.25
C LYS A 112 -30.40 7.09 -10.69
N CYS A 113 -30.41 6.90 -9.36
CA CYS A 113 -31.56 6.32 -8.64
C CYS A 113 -32.29 7.39 -7.85
N ARG A 114 -31.65 8.55 -7.70
CA ARG A 114 -32.17 9.67 -6.92
C ARG A 114 -31.68 10.98 -7.55
N ASP A 115 -32.40 12.08 -7.32
CA ASP A 115 -31.97 13.41 -7.79
C ASP A 115 -30.95 14.09 -6.87
N THR A 116 -31.20 14.02 -5.57
CA THR A 116 -30.23 14.44 -4.56
C THR A 116 -29.97 13.28 -3.60
N ILE A 117 -28.90 13.38 -2.82
CA ILE A 117 -28.66 12.50 -1.66
C ILE A 117 -28.52 13.37 -0.44
N ARG A 118 -29.01 12.87 0.69
CA ARG A 118 -28.71 13.46 2.01
C ARG A 118 -27.21 13.61 2.25
N THR A 119 -26.84 14.75 2.81
CA THR A 119 -25.46 14.99 3.19
C THR A 119 -25.31 14.99 4.71
N TYR A 120 -24.09 14.72 5.16
CA TYR A 120 -23.74 14.94 6.55
C TYR A 120 -22.51 15.82 6.65
N ASN A 121 -22.54 16.74 7.60
CA ASN A 121 -21.39 17.61 7.82
C ASN A 121 -20.36 16.95 8.71
N THR A 122 -19.22 16.63 8.11
CA THR A 122 -18.02 16.43 8.88
C THR A 122 -17.53 17.77 9.41
N CYS A 123 -17.45 17.86 10.73
CA CYS A 123 -17.17 19.11 11.41
C CYS A 123 -15.68 19.40 11.51
N ALA A 124 -15.02 19.50 10.35
CA ALA A 124 -13.66 20.02 10.25
C ALA A 124 -13.68 21.54 10.15
N GLY A 125 -12.61 22.18 10.63
CA GLY A 125 -12.38 23.59 10.40
C GLY A 125 -11.65 23.89 9.09
N PRO A 126 -11.55 25.20 8.73
CA PRO A 126 -11.07 25.65 7.42
C PRO A 126 -9.60 25.34 7.16
N HIS A 127 -9.25 25.22 5.89
CA HIS A 127 -7.85 25.18 5.45
C HIS A 127 -7.39 26.59 5.11
N TYR A 128 -6.19 26.94 5.57
CA TYR A 128 -5.51 28.16 5.12
C TYR A 128 -4.22 27.80 4.38
N ALA A 148 -12.74 31.49 8.79
CA ALA A 148 -14.15 31.18 8.60
C ALA A 148 -14.93 31.32 9.91
N ARG A 149 -16.25 31.51 9.79
CA ARG A 149 -17.18 31.27 10.90
C ARG A 149 -17.86 29.90 10.77
N TYR A 150 -17.22 28.99 10.06
CA TYR A 150 -17.48 27.57 10.18
C TYR A 150 -16.31 26.89 10.90
N ASP A 151 -16.09 27.29 12.14
CA ASP A 151 -14.98 26.80 12.95
C ASP A 151 -15.36 25.49 13.65
N ASP A 152 -15.73 24.49 12.86
CA ASP A 152 -16.61 23.40 13.34
C ASP A 152 -15.87 22.37 14.20
N LEU A 153 -14.56 22.27 14.03
CA LEU A 153 -13.72 21.47 14.91
C LEU A 153 -13.75 21.96 16.36
N ASN A 154 -13.40 23.23 16.57
CA ASN A 154 -13.46 23.83 17.90
C ASN A 154 -14.89 24.03 18.38
N ALA A 155 -15.81 24.19 17.45
CA ALA A 155 -17.23 24.15 17.77
C ALA A 155 -17.72 22.82 18.35
N PHE A 156 -17.30 21.67 17.81
CA PHE A 156 -17.63 20.41 18.51
C PHE A 156 -16.86 20.15 19.80
N LEU A 157 -15.68 20.75 19.91
CA LEU A 157 -14.82 20.51 21.05
C LEU A 157 -15.32 21.24 22.29
N HIS A 158 -16.03 22.34 22.08
CA HIS A 158 -16.39 23.26 23.16
C HIS A 158 -17.88 23.65 23.18
N ARG A 159 -18.47 23.77 21.96
CA ARG A 159 -19.75 24.46 21.77
C ARG A 159 -20.73 23.58 20.97
N ALA A 160 -20.74 22.32 21.31
CA ALA A 160 -21.34 21.33 20.40
C ALA A 160 -22.86 21.41 20.30
N ASP A 161 -23.50 21.88 21.37
CA ASP A 161 -24.91 22.29 21.33
C ASP A 161 -25.20 23.35 20.26
N GLU A 162 -24.34 24.38 20.21
CA GLU A 162 -24.50 25.51 19.31
C GLU A 162 -24.28 25.13 17.86
N LEU A 163 -23.25 24.33 17.62
CA LEU A 163 -23.00 23.73 16.30
C LEU A 163 -24.17 22.89 15.78
N ALA A 164 -24.80 22.13 16.68
CA ALA A 164 -25.92 21.26 16.32
C ALA A 164 -27.16 22.04 15.87
N LEU A 165 -27.56 23.03 16.67
CA LEU A 165 -28.67 23.93 16.35
C LEU A 165 -28.44 24.68 15.04
N ASP A 166 -27.21 25.15 14.87
CA ASP A 166 -26.75 25.84 13.67
C ASP A 166 -26.85 24.95 12.42
N LEU A 167 -26.39 23.71 12.53
CA LEU A 167 -26.46 22.73 11.44
C LEU A 167 -27.89 22.40 11.05
N LEU A 168 -28.71 22.12 12.07
CA LEU A 168 -30.12 21.80 11.90
C LEU A 168 -30.89 22.92 11.18
N ASP A 169 -30.55 24.16 11.52
CA ASP A 169 -31.12 25.36 10.88
C ASP A 169 -30.90 25.43 9.36
N SER A 170 -29.73 25.02 8.90
CA SER A 170 -29.46 24.97 7.46
C SER A 170 -30.09 23.75 6.78
N GLY A 171 -30.61 22.82 7.57
CA GLY A 171 -31.35 21.66 7.07
C GLY A 171 -30.53 20.38 7.09
N ILE A 172 -29.33 20.46 7.63
CA ILE A 172 -28.43 19.32 7.75
C ILE A 172 -28.76 18.50 8.98
N THR A 173 -29.13 17.24 8.77
CA THR A 173 -29.65 16.36 9.83
C THR A 173 -28.63 15.32 10.30
N ALA A 174 -27.38 15.46 9.89
CA ALA A 174 -26.33 14.55 10.34
C ALA A 174 -24.95 15.19 10.43
N LYS A 176 -20.62 14.54 11.82
CA LYS A 176 -19.56 13.64 12.25
C LYS A 176 -18.52 14.36 13.10
N ILE A 177 -18.28 13.84 14.29
CA ILE A 177 -17.32 14.43 15.22
C ILE A 177 -16.29 13.41 15.69
N TRP A 178 -15.15 13.90 16.17
CA TRP A 178 -14.11 13.01 16.69
C TRP A 178 -13.45 13.44 18.01
N PRO A 179 -14.23 13.50 19.11
CA PRO A 179 -13.67 14.04 20.35
C PRO A 179 -12.73 13.09 21.13
N PHE A 180 -12.59 11.85 20.70
CA PHE A 180 -11.74 10.89 21.42
C PHE A 180 -10.28 10.98 20.95
N ASP A 181 -10.09 11.61 19.79
CA ASP A 181 -8.77 11.87 19.22
C ASP A 181 -7.61 12.35 20.13
N PRO A 182 -7.83 13.40 20.98
CA PRO A 182 -6.72 13.85 21.86
C PRO A 182 -6.17 12.82 22.85
N TYR A 183 -6.99 11.84 23.22
CA TYR A 183 -6.63 10.89 24.29
C TYR A 183 -5.84 9.69 23.78
N ALA A 184 -5.73 9.59 22.45
CA ALA A 184 -5.06 8.47 21.80
C ALA A 184 -3.54 8.50 21.95
N GLU A 185 -2.95 9.70 21.91
CA GLU A 185 -1.50 9.87 21.79
C GLU A 185 -0.72 9.43 23.02
N ALA A 186 -1.29 9.68 24.19
CA ALA A 186 -0.63 9.45 25.47
C ALA A 186 -0.33 7.97 25.73
N SER A 187 -1.12 7.09 25.14
CA SER A 187 -1.07 5.66 25.44
C SER A 187 -0.88 4.80 24.20
N ASP A 188 -0.62 5.47 23.07
CA ASP A 188 -0.62 4.85 21.73
C ASP A 188 -1.91 4.08 21.37
N GLY A 189 -3.03 4.57 21.88
CA GLY A 189 -4.32 3.92 21.72
C GLY A 189 -4.51 2.62 22.50
N TYR A 190 -3.82 2.49 23.64
CA TYR A 190 -3.99 1.29 24.46
C TYR A 190 -4.79 1.52 25.74
N TYR A 191 -5.09 2.77 26.03
CA TYR A 191 -5.66 3.17 27.32
C TYR A 191 -6.39 4.49 27.22
N ILE A 192 -7.61 4.51 27.72
CA ILE A 192 -8.27 5.76 28.12
C ILE A 192 -8.70 5.69 29.58
N SER A 193 -8.37 6.75 30.33
CA SER A 193 -8.84 6.89 31.70
C SER A 193 -10.35 7.10 31.73
N LYS A 194 -10.97 6.69 32.83
CA LYS A 194 -12.43 6.74 32.98
C LYS A 194 -12.98 8.16 32.98
N SER A 195 -12.21 9.11 33.51
CA SER A 195 -12.63 10.50 33.58
C SER A 195 -12.29 11.30 32.31
N ASP A 196 -11.20 10.92 31.65
CA ASP A 196 -10.93 11.33 30.27
C ASP A 196 -11.98 10.83 29.27
N LEU A 197 -12.52 9.65 29.54
CA LEU A 197 -13.62 9.10 28.75
C LEU A 197 -14.89 9.94 28.87
N LYS A 198 -15.25 10.30 30.11
CA LYS A 198 -16.44 11.10 30.37
C LYS A 198 -16.32 12.56 29.91
N ARG A 199 -15.09 13.07 29.87
CA ARG A 199 -14.83 14.38 29.27
C ARG A 199 -15.04 14.38 27.76
N ALA A 200 -14.61 13.31 27.09
CA ALA A 200 -14.81 13.16 25.64
C ALA A 200 -16.27 12.84 25.28
N LEU A 201 -17.04 12.36 26.25
CA LEU A 201 -18.48 12.18 26.13
C LEU A 201 -19.28 13.48 26.13
N GLU A 202 -18.68 14.57 26.59
CA GLU A 202 -19.38 15.86 26.77
C GLU A 202 -20.00 16.50 25.51
N PRO A 203 -19.30 16.48 24.35
CA PRO A 203 -19.97 16.76 23.08
C PRO A 203 -21.27 15.99 22.81
N PHE A 204 -21.35 14.73 23.25
CA PHE A 204 -22.55 13.93 23.02
C PHE A 204 -23.71 14.32 23.93
N GLU A 205 -23.39 14.70 25.17
CA GLU A 205 -24.40 15.22 26.10
C GLU A 205 -24.99 16.55 25.61
N LYS A 206 -24.12 17.42 25.12
CA LYS A 206 -24.48 18.78 24.69
C LYS A 206 -25.49 18.79 23.54
N ILE A 207 -25.25 17.95 22.53
CA ILE A 207 -26.17 17.89 21.39
C ILE A 207 -27.45 17.10 21.65
N ARG A 208 -27.38 16.14 22.58
CA ARG A 208 -28.56 15.43 23.09
C ARG A 208 -29.56 16.37 23.78
N ARG A 209 -29.03 17.34 24.52
CA ARG A 209 -29.85 18.39 25.15
C ARG A 209 -30.44 19.33 24.12
N ALA A 210 -29.64 19.70 23.13
CA ALA A 210 -29.95 20.82 22.23
C ALA A 210 -30.96 20.46 21.15
N VAL A 211 -30.72 19.35 20.45
CA VAL A 211 -31.56 18.95 19.32
C VAL A 211 -32.18 17.56 19.46
N GLY A 212 -31.57 16.73 20.30
CA GLY A 212 -32.08 15.39 20.63
C GLY A 212 -32.22 14.47 19.43
N ASP A 213 -33.46 14.07 19.15
CA ASP A 213 -33.78 13.03 18.17
C ASP A 213 -33.61 13.45 16.71
N LYS A 214 -33.27 14.72 16.50
CA LYS A 214 -33.35 15.32 15.18
C LYS A 214 -32.05 15.23 14.40
N ASP A 216 -28.51 12.90 13.50
CA ASP A 216 -27.66 11.72 13.53
C ASP A 216 -26.22 12.11 13.80
N VAL A 217 -25.63 11.51 14.83
CA VAL A 217 -24.23 11.75 15.18
C VAL A 217 -23.36 10.56 14.81
N VAL A 219 -19.55 8.95 14.81
CA VAL A 219 -18.27 9.06 15.48
C VAL A 219 -17.15 8.56 14.60
N GLU A 220 -16.15 9.41 14.41
CA GLU A 220 -14.92 9.03 13.74
C GLU A 220 -13.85 8.78 14.80
N PHE A 221 -13.01 7.76 14.58
CA PHE A 221 -11.99 7.39 15.55
C PHE A 221 -10.58 7.44 14.97
N HIS A 222 -10.49 7.64 13.65
CA HIS A 222 -9.23 7.78 12.89
C HIS A 222 -8.24 6.64 13.00
N SER A 223 -8.76 5.43 13.26
CA SER A 223 -7.98 4.19 13.43
C SER A 223 -6.97 4.24 14.59
N LEU A 224 -7.27 5.06 15.60
CA LEU A 224 -6.30 5.44 16.63
C LEU A 224 -6.28 4.47 17.82
N TRP A 225 -7.31 3.63 17.93
CA TRP A 225 -7.51 2.84 19.13
C TRP A 225 -7.24 1.37 18.92
N ASN A 226 -6.70 0.72 19.94
CA ASN A 226 -6.64 -0.72 19.96
C ASN A 226 -7.79 -1.27 20.78
N LEU A 227 -7.80 -2.58 21.00
CA LEU A 227 -9.05 -3.30 21.26
C LEU A 227 -9.71 -3.01 22.60
N PRO A 228 -9.00 -3.19 23.75
CA PRO A 228 -9.66 -2.88 25.03
C PRO A 228 -10.23 -1.45 25.22
N PRO A 229 -9.45 -0.38 24.90
CA PRO A 229 -10.12 0.92 25.04
C PRO A 229 -11.24 1.20 24.02
N ALA A 230 -11.12 0.67 22.79
CA ALA A 230 -12.22 0.70 21.80
C ALA A 230 -13.54 0.12 22.31
N LEU A 231 -13.44 -0.99 23.02
CA LEU A 231 -14.61 -1.66 23.60
C LEU A 231 -15.19 -0.83 24.74
N GLN A 232 -14.29 -0.24 25.51
CA GLN A 232 -14.62 0.59 26.67
C GLN A 232 -15.37 1.84 26.22
N ILE A 233 -14.87 2.47 25.14
CA ILE A 233 -15.53 3.61 24.50
C ILE A 233 -16.91 3.26 23.92
N ALA A 234 -16.99 2.14 23.18
CA ALA A 234 -18.26 1.67 22.59
C ALA A 234 -19.37 1.46 23.62
N GLU A 235 -19.03 0.87 24.76
CA GLU A 235 -19.96 0.71 25.89
C GLU A 235 -20.46 2.05 26.47
N ALA A 236 -19.57 3.04 26.56
CA ALA A 236 -19.94 4.37 27.02
C ALA A 236 -20.84 5.12 26.05
N LEU A 237 -20.76 4.75 24.77
CA LEU A 237 -21.49 5.41 23.70
C LEU A 237 -22.87 4.81 23.43
N ARG A 238 -23.11 3.61 23.96
CA ARG A 238 -24.41 2.93 23.87
CA ARG A 238 -24.41 2.94 23.88
C ARG A 238 -25.57 3.86 24.22
N GLU A 239 -25.45 4.54 25.36
CA GLU A 239 -26.44 5.51 25.87
C GLU A 239 -26.89 6.57 24.85
N TYR A 240 -25.97 7.04 24.01
CA TYR A 240 -26.18 8.20 23.15
C TYR A 240 -26.70 7.84 21.76
N GLU A 241 -26.95 6.55 21.53
CA GLU A 241 -27.51 6.04 20.29
C GLU A 241 -26.89 6.68 19.05
N THR A 242 -25.57 6.56 18.96
CA THR A 242 -24.78 7.13 17.87
C THR A 242 -25.10 6.43 16.54
N PHE A 243 -25.00 7.16 15.44
CA PHE A 243 -25.42 6.63 14.14
C PHE A 243 -24.47 5.54 13.60
N TRP A 244 -23.17 5.80 13.67
CA TRP A 244 -22.16 4.80 13.33
C TRP A 244 -20.84 5.05 14.04
N HIS A 245 -20.01 4.01 14.14
CA HIS A 245 -18.64 4.16 14.64
C HIS A 245 -17.65 3.84 13.53
N GLU A 246 -16.89 4.85 13.14
CA GLU A 246 -16.04 4.79 11.96
C GLU A 246 -14.59 4.54 12.35
N ASP A 247 -13.99 3.56 11.69
CA ASP A 247 -12.62 3.13 11.94
C ASP A 247 -12.22 3.04 13.41
N PRO A 248 -12.98 2.26 14.21
CA PRO A 248 -12.74 2.27 15.66
C PRO A 248 -11.43 1.61 16.07
N ILE A 249 -10.97 0.66 15.26
CA ILE A 249 -9.61 0.11 15.36
C ILE A 249 -8.94 0.20 13.99
N ARG A 250 -7.62 0.08 13.95
CA ARG A 250 -6.90 0.07 12.67
C ARG A 250 -7.27 -1.12 11.79
N ASP A 252 -5.96 -3.09 9.65
CA ASP A 252 -4.79 -3.79 9.11
C ASP A 252 -5.09 -5.30 8.99
N SER A 253 -5.30 -5.97 10.11
CA SER A 253 -5.93 -7.31 10.11
C SER A 253 -7.41 -7.21 10.49
N LEU A 254 -8.27 -7.66 9.58
CA LEU A 254 -9.69 -7.41 9.70
C LEU A 254 -10.41 -8.43 10.56
N SER A 255 -9.77 -9.58 10.79
CA SER A 255 -10.24 -10.60 11.73
C SER A 255 -10.55 -10.10 13.15
N SER A 256 -9.91 -9.00 13.54
CA SER A 256 -10.13 -8.37 14.85
C SER A 256 -11.41 -7.53 14.99
N LEU A 257 -12.22 -7.46 13.92
CA LEU A 257 -13.30 -6.47 13.86
C LEU A 257 -14.63 -6.96 14.44
N LYS A 258 -14.90 -8.25 14.31
CA LYS A 258 -16.14 -8.84 14.81
C LYS A 258 -16.24 -8.71 16.32
N ARG A 259 -15.09 -8.81 16.98
CA ARG A 259 -14.95 -8.56 18.41
C ARG A 259 -15.46 -7.18 18.81
N TYR A 260 -15.07 -6.16 18.04
CA TYR A 260 -15.59 -4.82 18.26
C TYR A 260 -17.09 -4.70 17.94
N ALA A 261 -17.48 -5.12 16.73
CA ALA A 261 -18.88 -5.08 16.28
C ALA A 261 -19.90 -5.74 17.23
N GLU A 262 -19.53 -6.90 17.78
CA GLU A 262 -20.30 -7.62 18.81
C GLU A 262 -20.66 -6.75 20.00
N ARG A 263 -19.77 -5.83 20.35
CA ARG A 263 -19.89 -5.04 21.58
C ARG A 263 -20.33 -3.60 21.34
N SER A 264 -20.62 -3.28 20.08
CA SER A 264 -20.99 -1.90 19.73
C SER A 264 -22.43 -1.85 19.28
N LEU A 265 -23.24 -1.05 19.96
CA LEU A 265 -24.64 -0.86 19.56
C LEU A 265 -24.74 -0.25 18.17
N ALA A 266 -24.00 0.84 17.96
CA ALA A 266 -23.86 1.46 16.64
C ALA A 266 -23.13 0.53 15.65
N PRO A 267 -23.54 0.55 14.37
CA PRO A 267 -22.82 -0.20 13.33
C PRO A 267 -21.42 0.32 13.06
N VAL A 268 -20.49 -0.60 12.80
CA VAL A 268 -19.16 -0.27 12.29
C VAL A 268 -19.28 0.34 10.88
N CYS A 269 -18.75 1.54 10.71
CA CYS A 269 -18.48 2.10 9.40
C CYS A 269 -17.02 1.82 9.05
N ALA A 270 -16.81 1.16 7.91
CA ALA A 270 -15.46 0.80 7.48
C ALA A 270 -15.40 0.72 5.95
N SER A 271 -14.27 1.06 5.32
CA SER A 271 -13.21 1.96 5.83
C SER A 271 -12.57 2.70 4.67
N GLU A 272 -12.30 4.00 4.85
CA GLU A 272 -11.63 4.83 3.84
C GLU A 272 -10.16 4.44 3.59
N THR A 273 -9.59 3.71 4.54
CA THR A 273 -8.20 3.27 4.44
C THR A 273 -8.06 2.01 3.57
N LEU A 274 -9.19 1.41 3.20
CA LEU A 274 -9.24 0.11 2.53
C LEU A 274 -9.31 0.35 1.03
N ALA A 275 -8.62 -0.49 0.25
CA ALA A 275 -8.59 -0.36 -1.19
C ALA A 275 -9.10 -1.59 -1.94
N THR A 276 -9.84 -1.35 -3.03
CA THR A 276 -10.28 -2.36 -4.01
C THR A 276 -11.31 -3.38 -3.52
N ARG A 277 -11.80 -4.18 -4.46
CA ARG A 277 -12.76 -5.24 -4.18
C ARG A 277 -12.21 -6.26 -3.21
N TRP A 278 -10.90 -6.52 -3.30
CA TRP A 278 -10.20 -7.49 -2.47
C TRP A 278 -10.05 -7.04 -1.02
N GLY A 279 -9.73 -5.76 -0.81
CA GLY A 279 -9.86 -5.14 0.51
C GLY A 279 -11.28 -5.24 1.05
N PHE A 280 -12.27 -4.99 0.21
CA PHE A 280 -13.66 -5.03 0.64
C PHE A 280 -14.32 -6.41 0.74
N ARG A 281 -13.86 -7.36 -0.07
CA ARG A 281 -14.15 -8.78 0.15
C ARG A 281 -13.75 -9.22 1.56
N ASP A 282 -12.55 -8.81 1.97
CA ASP A 282 -12.00 -9.15 3.27
C ASP A 282 -12.81 -8.56 4.42
N LEU A 283 -13.33 -7.35 4.22
CA LEU A 283 -14.23 -6.70 5.18
C LEU A 283 -15.56 -7.41 5.30
N LEU A 284 -16.13 -7.80 4.15
CA LEU A 284 -17.46 -8.39 4.12
C LEU A 284 -17.49 -9.81 4.66
N GLU A 285 -16.34 -10.47 4.63
CA GLU A 285 -16.22 -11.80 5.22
C GLU A 285 -16.17 -11.83 6.76
N THR A 286 -15.79 -10.72 7.38
CA THR A 286 -15.85 -10.57 8.85
C THR A 286 -17.27 -10.65 9.45
N ASN A 287 -18.27 -10.27 8.64
CA ASN A 287 -19.64 -9.99 9.10
C ASN A 287 -19.74 -8.95 10.22
N ALA A 288 -18.91 -7.92 10.13
CA ALA A 288 -18.76 -6.97 11.21
C ALA A 288 -19.16 -5.54 10.84
N ALA A 289 -19.05 -5.19 9.56
CA ALA A 289 -19.45 -3.86 9.10
C ALA A 289 -20.96 -3.69 8.98
N GLY A 290 -21.42 -2.48 9.24
CA GLY A 290 -22.80 -2.10 8.95
C GLY A 290 -22.86 -1.14 7.79
N ILE A 291 -21.81 -0.32 7.64
CA ILE A 291 -21.74 0.68 6.57
C ILE A 291 -20.42 0.45 5.88
N VAL A 292 -20.48 0.28 4.57
CA VAL A 292 -19.27 0.20 3.75
C VAL A 292 -18.87 1.62 3.33
N LEU A 294 -15.93 4.05 1.57
CA LEU A 294 -14.80 4.07 0.64
C LEU A 294 -14.47 5.52 0.27
N ASP A 295 -13.21 5.76 -0.09
CA ASP A 295 -12.82 6.98 -0.76
C ASP A 295 -12.41 6.62 -2.19
N ILE A 296 -13.06 7.23 -3.18
CA ILE A 296 -12.79 6.88 -4.58
C ILE A 296 -11.38 7.22 -5.03
N SER A 297 -10.74 8.17 -4.36
CA SER A 297 -9.37 8.53 -4.66
C SER A 297 -8.31 7.72 -3.90
N TRP A 298 -8.76 6.80 -3.05
CA TRP A 298 -7.85 5.95 -2.27
C TRP A 298 -8.05 4.48 -2.57
N CYS A 299 -9.21 4.12 -3.12
CA CYS A 299 -9.65 2.73 -3.17
C CYS A 299 -9.43 2.05 -4.51
N GLY A 300 -9.01 2.82 -5.52
CA GLY A 300 -8.82 2.27 -6.86
C GLY A 300 -9.70 2.93 -7.93
N GLY A 301 -10.28 4.06 -7.59
CA GLY A 301 -10.94 4.89 -8.60
C GLY A 301 -12.42 4.66 -8.54
N LEU A 302 -13.15 5.29 -9.45
CA LEU A 302 -14.57 5.00 -9.62
C LEU A 302 -14.79 3.57 -10.08
N SER A 303 -13.81 3.03 -10.82
CA SER A 303 -13.79 1.64 -11.27
C SER A 303 -14.02 0.64 -10.16
N GLU A 304 -13.16 0.68 -9.14
CA GLU A 304 -13.30 -0.20 -7.98
C GLU A 304 -14.52 0.17 -7.14
N ALA A 305 -14.71 1.46 -6.91
CA ALA A 305 -15.85 1.97 -6.13
C ALA A 305 -17.24 1.62 -6.66
N ARG A 306 -17.41 1.63 -7.99
CA ARG A 306 -18.57 1.02 -8.70
C ARG A 306 -18.91 -0.34 -8.11
N LYS A 307 -17.88 -1.18 -8.07
CA LYS A 307 -18.02 -2.61 -7.93
C LYS A 307 -18.11 -2.96 -6.45
N ILE A 308 -17.34 -2.23 -5.63
CA ILE A 308 -17.49 -2.26 -4.18
C ILE A 308 -18.92 -1.97 -3.71
N ALA A 309 -19.51 -0.91 -4.25
CA ALA A 309 -20.89 -0.54 -3.91
C ALA A 309 -21.89 -1.65 -4.19
N SER A 310 -21.74 -2.29 -5.34
CA SER A 310 -22.67 -3.31 -5.77
C SER A 310 -22.44 -4.66 -5.07
N ALA A 312 -21.30 -4.55 -1.70
CA ALA A 312 -21.93 -4.18 -0.43
C ALA A 312 -23.45 -4.38 -0.40
N GLU A 313 -24.12 -4.08 -1.51
CA GLU A 313 -25.57 -4.24 -1.65
C GLU A 313 -26.03 -5.69 -1.47
N ALA A 314 -25.22 -6.63 -2.00
CA ALA A 314 -25.46 -8.06 -1.83
C ALA A 314 -25.35 -8.57 -0.39
N TRP A 315 -24.71 -7.78 0.48
CA TRP A 315 -24.61 -8.10 1.91
C TRP A 315 -25.57 -7.23 2.72
N HIS A 316 -26.48 -6.57 2.02
CA HIS A 316 -27.52 -5.72 2.60
C HIS A 316 -26.95 -4.49 3.30
N LEU A 317 -25.79 -4.04 2.82
CA LEU A 317 -25.08 -2.93 3.43
C LEU A 317 -25.11 -1.70 2.52
N PRO A 318 -25.35 -0.51 3.10
CA PRO A 318 -25.20 0.74 2.37
C PRO A 318 -23.77 1.19 2.20
N VAL A 319 -23.52 1.99 1.16
CA VAL A 319 -22.25 2.69 0.97
C VAL A 319 -22.37 4.18 1.33
N ALA A 320 -21.36 4.68 2.03
CA ALA A 320 -21.16 6.11 2.22
C ALA A 320 -19.79 6.51 1.65
N PRO A 321 -19.78 7.18 0.47
CA PRO A 321 -18.56 7.75 -0.11
C PRO A 321 -17.94 8.88 0.71
N HIS A 322 -16.63 8.76 0.91
CA HIS A 322 -15.80 9.70 1.67
C HIS A 322 -15.50 10.94 0.82
N ASP A 323 -15.67 12.12 1.41
CA ASP A 323 -15.05 13.34 0.89
C ASP A 323 -13.99 13.83 1.86
N CYS A 324 -14.28 14.91 2.59
CA CYS A 324 -13.31 15.71 3.36
C CYS A 324 -12.03 16.15 2.69
N THR A 325 -12.00 16.17 1.36
CA THR A 325 -10.76 16.33 0.63
C THR A 325 -10.92 17.46 -0.39
N GLY A 326 -10.42 17.29 -1.61
CA GLY A 326 -10.59 18.31 -2.66
C GLY A 326 -11.97 18.35 -3.30
N PRO A 327 -12.22 19.35 -4.17
CA PRO A 327 -13.51 19.50 -4.85
C PRO A 327 -13.87 18.38 -5.84
N VAL A 328 -12.87 17.81 -6.51
CA VAL A 328 -13.12 16.82 -7.56
C VAL A 328 -13.61 15.48 -6.98
N VAL A 329 -12.97 15.04 -5.90
CA VAL A 329 -13.40 13.85 -5.15
C VAL A 329 -14.84 13.98 -4.65
N LEU A 330 -15.20 15.15 -4.13
CA LEU A 330 -16.58 15.43 -3.70
C LEU A 330 -17.60 15.28 -4.85
N THR A 331 -17.22 15.80 -6.01
CA THR A 331 -18.06 15.78 -7.21
C THR A 331 -18.24 14.36 -7.74
N ALA A 332 -17.12 13.65 -7.88
CA ALA A 332 -17.08 12.27 -8.34
C ALA A 332 -17.81 11.31 -7.40
N SER A 333 -17.67 11.54 -6.09
CA SER A 333 -18.35 10.74 -5.06
C SER A 333 -19.85 10.95 -5.15
N THR A 334 -20.25 12.20 -5.35
CA THR A 334 -21.66 12.57 -5.55
C THR A 334 -22.27 11.89 -6.78
N HIS A 335 -21.50 11.80 -7.87
CA HIS A 335 -21.89 11.00 -9.03
C HIS A 335 -22.17 9.55 -8.64
N LEU A 336 -21.24 8.94 -7.90
CA LEU A 336 -21.42 7.58 -7.36
C LEU A 336 -22.60 7.46 -6.40
N SER A 337 -22.77 8.46 -5.53
CA SER A 337 -23.89 8.49 -4.60
C SER A 337 -25.26 8.69 -5.24
N LEU A 338 -25.27 9.26 -6.45
CA LEU A 338 -26.49 9.39 -7.24
C LEU A 338 -26.81 8.09 -7.94
N ASN A 339 -25.77 7.39 -8.40
CA ASN A 339 -25.92 6.10 -9.07
C ASN A 339 -26.29 4.93 -8.17
N ALA A 340 -25.53 4.73 -7.08
CA ALA A 340 -25.59 3.49 -6.31
C ALA A 340 -26.95 3.38 -5.60
N PRO A 341 -27.70 2.30 -5.88
CA PRO A 341 -29.00 2.06 -5.25
C PRO A 341 -28.90 1.89 -3.73
N ASN A 342 -27.75 1.37 -3.27
CA ASN A 342 -27.45 1.32 -1.84
C ASN A 342 -26.73 2.52 -1.22
N ALA A 343 -26.62 3.63 -1.94
CA ALA A 343 -26.03 4.84 -1.32
C ALA A 343 -26.92 5.44 -0.23
N LEU A 344 -26.29 6.00 0.79
CA LEU A 344 -26.94 6.31 2.06
C LEU A 344 -26.82 7.80 2.28
N VAL A 345 -25.58 8.24 2.48
CA VAL A 345 -25.24 9.65 2.65
C VAL A 345 -24.01 9.96 1.83
N GLN A 346 -23.89 11.21 1.43
CA GLN A 346 -22.65 11.74 0.88
C GLN A 346 -22.04 12.73 1.86
N GLU A 347 -20.84 12.42 2.34
CA GLU A 347 -20.04 13.31 3.19
C GLU A 347 -19.73 14.65 2.52
N SER A 348 -19.89 15.74 3.28
CA SER A 348 -19.39 17.05 2.87
C SER A 348 -18.98 17.90 4.07
N VAL A 349 -18.14 18.90 3.81
CA VAL A 349 -17.69 19.86 4.81
C VAL A 349 -18.11 21.27 4.39
N ARG A 350 -18.99 21.91 5.18
CA ARG A 350 -19.51 23.23 4.81
C ARG A 350 -18.44 24.32 4.74
N ALA A 351 -17.45 24.23 5.63
CA ALA A 351 -16.23 25.04 5.58
C ALA A 351 -15.43 24.90 4.28
N PHE A 352 -15.56 23.75 3.62
CA PHE A 352 -14.81 23.50 2.39
C PHE A 352 -15.54 24.07 1.18
N TYR A 353 -16.83 23.74 1.02
CA TYR A 353 -17.55 24.12 -0.20
C TYR A 353 -18.08 25.55 -0.26
N ASP A 354 -18.36 26.14 0.90
CA ASP A 354 -18.56 27.58 0.99
C ASP A 354 -17.22 28.34 1.06
N GLY A 355 -16.17 27.65 1.50
CA GLY A 355 -14.84 28.23 1.61
C GLY A 355 -13.95 27.99 0.40
N TRP A 356 -12.87 27.23 0.60
CA TRP A 356 -11.71 27.23 -0.30
C TRP A 356 -11.87 26.47 -1.62
N TYR A 357 -13.01 25.78 -1.78
CA TYR A 357 -13.33 25.13 -3.05
C TYR A 357 -13.66 26.18 -4.12
N ARG A 358 -14.23 27.30 -3.66
CA ARG A 358 -15.01 28.22 -4.51
C ARG A 358 -14.20 28.82 -5.66
N ASP A 359 -12.91 29.07 -5.40
CA ASP A 359 -12.01 29.69 -6.36
C ASP A 359 -11.51 28.72 -7.41
N LEU A 360 -11.54 27.42 -7.08
CA LEU A 360 -10.66 26.43 -7.69
C LEU A 360 -11.24 25.81 -8.97
N VAL A 361 -12.56 25.69 -9.02
CA VAL A 361 -13.22 24.95 -10.10
C VAL A 361 -14.41 25.70 -10.70
N THR A 362 -14.74 25.38 -11.95
CA THR A 362 -15.79 26.05 -12.73
C THR A 362 -17.21 25.85 -12.20
N ALA A 363 -17.44 24.72 -11.54
CA ALA A 363 -18.73 24.45 -10.88
C ALA A 363 -18.55 23.57 -9.65
N LEU A 364 -19.51 23.63 -8.73
CA LEU A 364 -19.46 22.80 -7.53
C LEU A 364 -20.74 21.97 -7.37
N PRO A 365 -20.64 20.80 -6.70
CA PRO A 365 -21.77 20.19 -6.00
C PRO A 365 -22.59 21.18 -5.18
N THR A 366 -23.90 21.12 -5.36
CA THR A 366 -24.79 22.12 -4.81
C THR A 366 -25.50 21.57 -3.57
N VAL A 367 -25.32 22.26 -2.45
CA VAL A 367 -25.92 21.82 -1.20
C VAL A 367 -27.14 22.68 -0.87
N LYS A 368 -28.27 22.00 -0.65
CA LYS A 368 -29.53 22.67 -0.36
C LYS A 368 -30.41 21.75 0.52
N ASP A 369 -30.83 22.29 1.66
CA ASP A 369 -31.72 21.62 2.61
C ASP A 369 -31.21 20.28 3.13
N GLY A 370 -29.91 20.21 3.38
CA GLY A 370 -29.26 19.00 3.88
C GLY A 370 -29.10 17.92 2.83
N HIS A 371 -29.15 18.30 1.56
CA HIS A 371 -29.01 17.38 0.44
C HIS A 371 -28.07 17.96 -0.61
N ILE A 372 -27.44 17.08 -1.40
CA ILE A 372 -26.35 17.45 -2.30
C ILE A 372 -26.56 16.78 -3.67
N THR A 373 -26.22 17.50 -4.75
CA THR A 373 -26.29 16.95 -6.09
C THR A 373 -25.09 17.36 -6.96
N VAL A 374 -24.94 16.72 -8.12
CA VAL A 374 -23.85 17.04 -9.06
C VAL A 374 -24.04 18.40 -9.75
N PRO A 375 -22.94 19.05 -10.15
CA PRO A 375 -23.03 20.08 -11.19
C PRO A 375 -23.43 19.49 -12.54
N ASP A 376 -24.19 20.26 -13.32
CA ASP A 376 -24.65 19.83 -14.65
C ASP A 376 -23.53 19.73 -15.66
N GLY A 377 -23.68 18.82 -16.61
CA GLY A 377 -22.73 18.66 -17.71
C GLY A 377 -22.11 17.28 -17.78
N PRO A 378 -21.54 16.93 -18.96
CA PRO A 378 -20.83 15.67 -19.20
C PRO A 378 -19.62 15.46 -18.29
N GLY A 379 -19.28 14.19 -18.04
CA GLY A 379 -18.21 13.82 -17.10
C GLY A 379 -18.48 14.23 -15.67
N LEU A 380 -17.51 14.92 -15.07
CA LEU A 380 -17.64 15.47 -13.73
C LEU A 380 -18.65 16.61 -13.68
N GLY A 381 -18.70 17.41 -14.74
CA GLY A 381 -19.55 18.59 -14.77
C GLY A 381 -18.84 19.80 -14.19
N LEU A 382 -17.52 19.70 -14.08
CA LEU A 382 -16.65 20.81 -13.71
C LEU A 382 -15.31 20.69 -14.46
N GLU A 383 -14.54 21.77 -14.43
CA GLU A 383 -13.12 21.79 -14.81
C GLU A 383 -12.36 22.56 -13.73
N LEU A 384 -11.04 22.43 -13.73
CA LEU A 384 -10.18 23.48 -13.18
C LEU A 384 -10.38 24.76 -13.99
N PRO A 386 -9.79 28.21 -15.80
CA PRO A 386 -8.68 28.41 -16.74
C PRO A 386 -7.53 29.26 -16.20
N ASP A 387 -7.80 30.06 -15.18
CA ASP A 387 -6.79 30.91 -14.54
C ASP A 387 -6.24 30.33 -13.23
N ILE A 388 -6.05 29.01 -13.19
CA ILE A 388 -5.66 28.32 -11.96
C ILE A 388 -4.18 28.48 -11.58
N ARG A 389 -3.30 28.45 -12.59
CA ARG A 389 -1.86 28.55 -12.39
C ARG A 389 -1.42 29.97 -12.05
N GLU A 390 -2.32 30.92 -12.30
CA GLU A 390 -2.12 32.33 -11.96
C GLU A 390 -2.61 32.63 -10.54
N ARG A 391 -3.63 31.92 -10.11
CA ARG A 391 -4.23 32.09 -8.79
C ARG A 391 -3.43 31.41 -7.68
N LEU A 392 -2.91 30.21 -7.97
CA LEU A 392 -2.13 29.44 -7.00
C LEU A 392 -0.71 29.21 -7.51
N THR A 393 0.21 28.95 -6.59
CA THR A 393 1.55 28.50 -6.95
C THR A 393 1.54 27.01 -7.25
N ILE A 394 1.62 26.67 -8.53
CA ILE A 394 1.39 25.29 -8.94
C ILE A 394 2.62 24.65 -9.56
N ALA A 395 3.18 23.66 -8.87
CA ALA A 395 4.22 22.83 -9.43
C ALA A 395 3.63 21.81 -10.41
N VAL A 396 3.84 22.04 -11.70
CA VAL A 396 3.34 21.14 -12.74
C VAL A 396 4.44 20.22 -13.24
N ARG A 397 4.01 19.06 -13.76
CA ARG A 397 4.92 18.06 -14.26
C ARG A 397 4.24 17.34 -15.43
N ASN A 398 5.05 16.94 -16.42
CA ASN A 398 4.56 16.60 -17.74
C ASN A 398 5.23 15.34 -18.28
N THR A 399 4.45 14.45 -18.89
CA THR A 399 4.96 13.24 -19.53
C THR A 399 4.34 12.97 -20.90
N SER B 2 22.13 10.28 23.21
CA SER B 2 23.46 10.57 22.58
C SER B 2 23.31 11.05 21.13
N LEU B 3 22.98 10.12 20.25
CA LEU B 3 22.86 10.39 18.81
C LEU B 3 21.60 11.15 18.44
N LYS B 4 21.74 12.06 17.48
CA LYS B 4 20.59 12.72 16.83
C LYS B 4 20.75 12.65 15.31
N ILE B 5 19.64 12.43 14.60
CA ILE B 5 19.65 12.37 13.14
C ILE B 5 19.70 13.79 12.56
N THR B 6 20.68 14.02 11.68
CA THR B 6 20.94 15.35 11.14
C THR B 6 20.47 15.50 9.70
N GLU B 7 20.51 14.40 8.95
CA GLU B 7 20.45 14.44 7.48
C GLU B 7 20.07 13.07 6.90
N ILE B 8 19.18 13.09 5.91
CA ILE B 8 18.80 11.88 5.19
C ILE B 8 19.02 12.08 3.68
N GLU B 9 19.75 11.15 3.07
CA GLU B 9 20.12 11.26 1.65
C GLU B 9 19.54 10.10 0.87
N THR B 10 18.88 10.39 -0.25
CA THR B 10 18.52 9.32 -1.20
C THR B 10 19.38 9.34 -2.44
N LEU B 11 19.72 8.14 -2.93
CA LEU B 11 20.58 7.99 -4.08
C LEU B 11 19.86 7.13 -5.12
N ARG B 12 19.64 7.70 -6.31
CA ARG B 12 19.02 6.96 -7.41
C ARG B 12 19.96 6.80 -8.61
N PRO B 13 20.59 5.63 -8.74
CA PRO B 13 21.48 5.43 -9.89
C PRO B 13 20.68 5.10 -11.15
N GLU B 14 20.89 5.85 -12.23
CA GLU B 14 20.11 5.63 -13.46
C GLU B 14 20.47 4.38 -14.26
N GLU B 15 21.62 3.79 -13.96
CA GLU B 15 21.97 2.48 -14.51
C GLU B 15 21.16 1.35 -13.91
N PHE B 16 20.74 1.51 -12.65
CA PHE B 16 19.79 0.60 -12.00
C PHE B 16 18.58 1.37 -11.48
N PRO B 17 17.63 1.70 -12.38
CA PRO B 17 16.59 2.67 -12.04
C PRO B 17 15.51 2.17 -11.07
N ASN B 18 15.46 0.86 -10.82
CA ASN B 18 14.59 0.33 -9.76
C ASN B 18 15.16 0.48 -8.35
N LEU B 19 16.47 0.75 -8.27
CA LEU B 19 17.20 0.70 -7.02
C LEU B 19 17.18 2.03 -6.30
N LEU B 20 16.98 1.97 -4.98
CA LEU B 20 17.11 3.17 -4.16
C LEU B 20 18.00 2.89 -2.95
N TRP B 21 19.04 3.70 -2.79
CA TRP B 21 19.78 3.76 -1.53
C TRP B 21 19.34 4.93 -0.67
N VAL B 22 19.40 4.73 0.64
CA VAL B 22 19.14 5.80 1.61
C VAL B 22 20.28 5.84 2.62
N LEU B 23 20.73 7.05 2.95
CA LEU B 23 21.77 7.27 3.93
C LEU B 23 21.26 8.16 5.04
N VAL B 24 21.41 7.70 6.29
CA VAL B 24 20.93 8.45 7.45
C VAL B 24 22.13 8.94 8.27
N HIS B 25 22.29 10.26 8.35
CA HIS B 25 23.47 10.86 8.97
C HIS B 25 23.17 11.34 10.38
N THR B 26 24.13 11.16 11.27
CA THR B 26 24.02 11.64 12.64
C THR B 26 25.04 12.73 13.00
N ASP B 27 24.85 13.34 14.17
CA ASP B 27 25.71 14.41 14.66
C ASP B 27 27.14 13.96 14.96
N GLU B 28 27.29 12.69 15.34
CA GLU B 28 28.59 12.13 15.70
C GLU B 28 29.28 11.47 14.49
N GLY B 29 28.75 11.74 13.30
CA GLY B 29 29.40 11.35 12.06
C GLY B 29 29.23 9.86 11.75
N ILE B 30 28.20 9.27 12.34
CA ILE B 30 27.87 7.89 12.05
C ILE B 30 26.69 7.79 11.07
N THR B 31 26.91 7.08 9.98
CA THR B 31 25.93 7.01 8.89
C THR B 31 25.47 5.58 8.65
N GLY B 32 24.15 5.43 8.44
CA GLY B 32 23.55 4.12 8.18
C GLY B 32 23.12 3.98 6.75
N LEU B 33 23.21 2.76 6.23
CA LEU B 33 22.84 2.49 4.84
C LEU B 33 21.56 1.67 4.74
N GLY B 34 20.56 2.23 4.05
CA GLY B 34 19.36 1.50 3.67
C GLY B 34 19.23 1.30 2.18
N GLU B 35 18.29 0.43 1.82
CA GLU B 35 18.02 0.12 0.42
C GLU B 35 16.58 -0.30 0.24
N THR B 36 15.99 0.01 -0.92
CA THR B 36 14.80 -0.68 -1.41
C THR B 36 14.74 -0.75 -2.94
N PHE B 37 13.83 -1.59 -3.45
CA PHE B 37 13.79 -1.92 -4.87
C PHE B 37 12.37 -1.81 -5.43
N TYR B 38 12.28 -1.49 -6.73
CA TYR B 38 11.07 -1.02 -7.41
C TYR B 38 10.54 0.33 -6.96
N GLY B 39 9.98 1.08 -7.92
CA GLY B 39 9.31 2.35 -7.65
C GLY B 39 10.15 3.34 -6.88
N ALA B 40 11.42 3.46 -7.29
CA ALA B 40 12.42 4.26 -6.57
C ALA B 40 12.03 5.71 -6.40
N CYS B 41 11.49 6.32 -7.45
CA CYS B 41 11.07 7.74 -7.40
C CYS B 41 9.92 7.99 -6.44
N SER B 42 9.02 7.03 -6.31
CA SER B 42 7.86 7.19 -5.43
C SER B 42 8.23 6.97 -3.96
N ALA B 43 9.08 5.97 -3.72
CA ALA B 43 9.66 5.77 -2.39
C ALA B 43 10.54 6.94 -1.93
N GLU B 44 11.38 7.46 -2.85
CA GLU B 44 12.19 8.64 -2.57
C GLU B 44 11.34 9.87 -2.25
N ALA B 45 10.31 10.09 -3.07
CA ALA B 45 9.44 11.24 -2.89
C ALA B 45 8.70 11.19 -1.56
N TYR B 46 8.29 9.99 -1.14
CA TYR B 46 7.68 9.75 0.17
C TYR B 46 8.65 10.09 1.32
N ILE B 47 9.89 9.62 1.23
CA ILE B 47 10.89 9.86 2.26
C ILE B 47 11.07 11.36 2.53
N HIS B 48 11.24 12.15 1.47
CA HIS B 48 11.47 13.58 1.58
C HIS B 48 10.19 14.38 1.90
N GLU B 49 9.03 13.85 1.48
CA GLU B 49 7.75 14.52 1.72
C GLU B 49 7.25 14.44 3.16
N TRP B 50 7.42 13.28 3.80
CA TRP B 50 6.76 13.02 5.07
C TRP B 50 7.68 12.41 6.13
N ALA B 51 8.44 11.39 5.73
CA ALA B 51 9.16 10.52 6.65
C ALA B 51 10.41 11.18 7.25
N ALA B 52 11.05 12.03 6.46
CA ALA B 52 12.30 12.68 6.85
C ALA B 52 12.11 13.64 8.02
N ASN B 53 11.01 14.38 8.01
CA ASN B 53 10.67 15.31 9.08
C ASN B 53 10.29 14.64 10.40
N ARG B 54 9.85 13.39 10.31
CA ARG B 54 9.53 12.60 11.51
C ARG B 54 10.79 12.05 12.15
N LEU B 55 11.89 12.07 11.41
CA LEU B 55 13.08 11.33 11.76
C LEU B 55 14.25 12.27 12.07
N ILE B 56 14.30 13.42 11.39
CA ILE B 56 15.35 14.42 11.58
C ILE B 56 15.26 15.07 12.96
N GLY B 57 16.34 14.98 13.72
CA GLY B 57 16.38 15.46 15.10
C GLY B 57 16.20 14.38 16.15
N GLU B 58 15.83 13.17 15.73
CA GLU B 58 15.48 12.07 16.64
C GLU B 58 16.69 11.19 16.94
N ASP B 59 16.63 10.49 18.07
CA ASP B 59 17.50 9.34 18.37
C ASP B 59 17.25 8.18 17.40
N PRO B 60 18.27 7.81 16.60
CA PRO B 60 18.15 6.68 15.65
C PRO B 60 18.06 5.29 16.30
N LEU B 61 18.42 5.21 17.58
CA LEU B 61 18.44 3.93 18.30
C LEU B 61 17.03 3.53 18.74
N GLN B 62 16.09 4.46 18.65
CA GLN B 62 14.70 4.18 18.96
C GLN B 62 13.96 3.52 17.80
N ILE B 63 14.43 2.33 17.42
CA ILE B 63 14.10 1.71 16.15
C ILE B 63 12.64 1.24 16.11
N ASP B 64 12.22 0.52 17.16
CA ASP B 64 10.82 0.16 17.37
C ASP B 64 9.87 1.36 17.42
N ARG B 65 10.30 2.44 18.07
CA ARG B 65 9.48 3.64 18.20
C ARG B 65 9.25 4.31 16.85
N HIS B 66 10.31 4.37 16.03
CA HIS B 66 10.23 5.07 14.74
C HIS B 66 9.43 4.32 13.70
N ALA B 67 9.63 3.00 13.64
CA ALA B 67 8.82 2.10 12.82
C ALA B 67 7.33 2.27 13.04
N LYS B 68 6.93 2.39 14.31
CA LYS B 68 5.55 2.70 14.67
C LYS B 68 5.13 4.12 14.28
N ARG B 69 6.01 5.09 14.51
CA ARG B 69 5.79 6.49 14.13
C ARG B 69 5.66 6.70 12.61
N LEU B 70 6.46 5.96 11.84
CA LEU B 70 6.46 6.10 10.37
C LEU B 70 5.36 5.30 9.69
N SER B 71 4.64 4.48 10.45
CA SER B 71 3.43 3.83 9.99
C SER B 71 2.31 4.86 9.85
N GLY B 72 2.12 5.35 8.63
CA GLY B 72 1.25 6.51 8.39
C GLY B 72 -0.17 6.09 8.14
N TYR B 73 -1.01 7.07 7.79
CA TYR B 73 -2.46 6.88 7.76
C TYR B 73 -2.95 5.94 6.66
N LEU B 74 -2.22 5.87 5.55
CA LEU B 74 -2.62 5.11 4.36
C LEU B 74 -1.43 4.26 3.89
N GLY B 75 -1.71 3.17 3.21
CA GLY B 75 -0.66 2.33 2.63
C GLY B 75 0.05 1.39 3.59
N PHE B 76 -0.55 1.16 4.76
CA PHE B 76 0.02 0.26 5.77
C PHE B 76 -0.22 -1.24 5.52
N ARG B 77 -1.09 -1.55 4.55
CA ARG B 77 -1.62 -2.89 4.38
C ARG B 77 -1.00 -3.65 3.21
N SER B 78 -0.07 -3.02 2.49
CA SER B 78 0.94 -3.75 1.71
CA SER B 78 0.89 -3.72 1.61
C SER B 78 2.19 -2.94 1.39
N ALA B 79 2.91 -3.36 0.35
CA ALA B 79 4.27 -2.95 0.06
C ALA B 79 4.37 -1.73 -0.87
N GLY B 80 3.50 -0.75 -0.67
CA GLY B 80 3.53 0.50 -1.46
C GLY B 80 4.73 1.40 -1.17
N ALA B 81 4.73 2.57 -1.81
CA ALA B 81 5.90 3.50 -1.74
C ALA B 81 6.26 3.88 -0.32
N GLU B 82 5.25 4.23 0.46
CA GLU B 82 5.37 4.45 1.90
C GLU B 82 6.08 3.28 2.62
N ARG B 84 7.95 0.73 1.38
CA ARG B 84 9.32 0.52 0.92
C ARG B 84 10.27 1.61 1.43
N GLY B 85 9.77 2.84 1.51
CA GLY B 85 10.53 3.96 2.06
C GLY B 85 10.84 3.74 3.53
N ASN B 86 9.81 3.37 4.28
CA ASN B 86 9.95 3.00 5.68
C ASN B 86 10.94 1.87 5.90
N SER B 87 10.88 0.86 5.05
CA SER B 87 11.76 -0.29 5.17
C SER B 87 13.22 0.03 4.92
N ALA B 88 13.49 0.83 3.90
CA ALA B 88 14.85 1.34 3.62
C ALA B 88 15.38 2.17 4.79
N LEU B 89 14.57 3.12 5.25
CA LEU B 89 14.85 3.91 6.46
C LEU B 89 15.16 3.03 7.68
N ASP B 90 14.42 1.94 7.81
CA ASP B 90 14.60 0.98 8.89
C ASP B 90 15.94 0.25 8.87
N ILE B 91 16.33 -0.25 7.70
CA ILE B 91 17.62 -0.96 7.54
C ILE B 91 18.79 -0.06 7.96
N ALA B 92 18.74 1.20 7.53
CA ALA B 92 19.73 2.21 7.89
C ALA B 92 19.80 2.49 9.40
N LEU B 93 18.65 2.42 10.08
CA LEU B 93 18.62 2.52 11.54
C LEU B 93 19.30 1.36 12.25
N TRP B 94 19.17 0.17 11.68
CA TRP B 94 19.88 -1.02 12.15
C TRP B 94 21.39 -0.97 11.87
N ASP B 95 21.76 -0.34 10.76
CA ASP B 95 23.16 -0.09 10.44
C ASP B 95 23.82 0.83 11.48
N ILE B 96 23.12 1.90 11.83
CA ILE B 96 23.54 2.84 12.89
C ILE B 96 23.74 2.17 14.26
N PHE B 97 22.68 1.50 14.73
CA PHE B 97 22.69 0.69 15.95
C PHE B 97 23.92 -0.24 16.00
N GLY B 98 24.21 -0.92 14.90
CA GLY B 98 25.40 -1.76 14.78
C GLY B 98 26.74 -1.09 14.99
N LYS B 99 26.93 0.07 14.37
CA LYS B 99 28.20 0.77 14.48
C LYS B 99 28.36 1.52 15.80
N ALA B 100 27.24 1.87 16.42
CA ALA B 100 27.24 2.57 17.71
C ALA B 100 27.52 1.66 18.90
N THR B 101 27.37 0.35 18.69
CA THR B 101 27.61 -0.65 19.74
C THR B 101 28.78 -1.56 19.36
N GLY B 102 29.22 -1.47 18.10
CA GLY B 102 30.31 -2.28 17.60
C GLY B 102 29.88 -3.68 17.24
N GLN B 103 28.59 -3.84 16.94
CA GLN B 103 28.00 -5.18 16.78
C GLN B 103 27.45 -5.40 15.39
N PRO B 104 27.56 -6.62 14.85
CA PRO B 104 26.88 -6.89 13.59
C PRO B 104 25.36 -7.01 13.81
N ILE B 105 24.59 -6.85 12.73
CA ILE B 105 23.14 -6.80 12.82
C ILE B 105 22.54 -8.10 13.38
N TYR B 106 23.05 -9.24 12.92
CA TYR B 106 22.63 -10.56 13.42
C TYR B 106 22.70 -10.73 14.93
N GLN B 107 23.64 -10.03 15.57
CA GLN B 107 23.79 -10.04 17.01
C GLN B 107 22.71 -9.20 17.69
N LEU B 108 22.45 -8.02 17.11
CA LEU B 108 21.44 -7.10 17.64
C LEU B 108 20.01 -7.61 17.47
N LEU B 109 19.83 -8.50 16.50
CA LEU B 109 18.61 -9.28 16.38
C LEU B 109 18.45 -10.36 17.46
N GLY B 110 19.56 -10.77 18.08
CA GLY B 110 19.53 -11.79 19.14
C GLY B 110 20.63 -12.83 19.04
N GLY B 111 21.56 -12.62 18.12
CA GLY B 111 22.70 -13.53 17.96
C GLY B 111 22.49 -14.51 16.82
N LYS B 112 23.56 -15.07 16.30
CA LYS B 112 23.47 -16.10 15.27
C LYS B 112 23.02 -17.47 15.83
N CYS B 113 22.37 -18.26 14.99
CA CYS B 113 22.07 -19.66 15.30
C CYS B 113 22.88 -20.58 14.40
N ARG B 114 23.48 -19.99 13.37
CA ARG B 114 24.35 -20.69 12.45
C ARG B 114 25.47 -19.74 11.98
N ASP B 115 26.59 -20.29 11.51
CA ASP B 115 27.67 -19.49 10.93
C ASP B 115 27.40 -19.12 9.47
N THR B 116 26.97 -20.11 8.68
CA THR B 116 26.50 -19.89 7.32
C THR B 116 25.09 -20.42 7.18
N ILE B 117 24.38 -19.95 6.15
CA ILE B 117 23.11 -20.54 5.76
C ILE B 117 23.17 -21.01 4.32
N ARG B 118 22.54 -22.15 4.04
CA ARG B 118 22.30 -22.64 2.68
C ARG B 118 21.70 -21.56 1.80
N THR B 119 22.27 -21.42 0.61
CA THR B 119 21.72 -20.54 -0.40
C THR B 119 21.02 -21.33 -1.48
N TYR B 120 20.12 -20.67 -2.22
CA TYR B 120 19.56 -21.20 -3.46
C TYR B 120 19.65 -20.13 -4.53
N ASN B 121 19.77 -20.57 -5.78
CA ASN B 121 19.98 -19.64 -6.89
C ASN B 121 18.71 -19.33 -7.65
N THR B 122 18.30 -18.07 -7.58
CA THR B 122 17.23 -17.60 -8.44
C THR B 122 17.80 -17.34 -9.83
N CYS B 123 17.39 -18.18 -10.78
CA CYS B 123 17.97 -18.21 -12.13
C CYS B 123 17.50 -17.04 -13.00
N ALA B 124 17.84 -15.83 -12.57
CA ALA B 124 17.67 -14.62 -13.38
C ALA B 124 18.92 -14.35 -14.21
N GLY B 125 18.73 -13.68 -15.35
CA GLY B 125 19.85 -13.10 -16.10
C GLY B 125 20.34 -11.79 -15.51
N PRO B 126 21.54 -11.35 -15.91
CA PRO B 126 22.18 -10.12 -15.44
C PRO B 126 21.43 -8.82 -15.81
N HIS B 127 21.59 -7.80 -14.98
CA HIS B 127 21.21 -6.42 -15.32
C HIS B 127 22.38 -5.70 -16.00
N TYR B 128 22.21 -4.39 -16.26
CA TYR B 128 22.84 -3.64 -17.36
C TYR B 128 22.58 -4.24 -18.76
N ARG B 149 29.82 -17.13 -18.39
CA ARG B 149 28.81 -16.16 -17.98
C ARG B 149 27.62 -16.83 -17.30
N TYR B 150 26.80 -16.02 -16.63
CA TYR B 150 25.62 -16.52 -15.94
C TYR B 150 24.34 -16.10 -16.64
N ASP B 151 24.06 -16.78 -17.75
CA ASP B 151 22.91 -16.47 -18.61
C ASP B 151 21.68 -17.27 -18.15
N ASP B 152 21.29 -17.07 -16.90
CA ASP B 152 20.57 -18.11 -16.13
C ASP B 152 19.07 -18.18 -16.42
N LEU B 153 18.48 -17.06 -16.83
CA LEU B 153 17.11 -17.03 -17.34
C LEU B 153 16.98 -17.82 -18.65
N ASN B 154 17.84 -17.52 -19.61
CA ASN B 154 17.86 -18.23 -20.89
C ASN B 154 18.28 -19.68 -20.74
N ALA B 155 19.19 -19.93 -19.80
CA ALA B 155 19.59 -21.29 -19.43
C ALA B 155 18.40 -22.17 -18.98
N PHE B 156 17.58 -21.70 -18.04
CA PHE B 156 16.42 -22.49 -17.63
C PHE B 156 15.30 -22.67 -18.66
N LEU B 157 15.17 -21.69 -19.56
CA LEU B 157 14.19 -21.75 -20.63
C LEU B 157 14.49 -22.83 -21.65
N HIS B 158 15.77 -23.09 -21.89
CA HIS B 158 16.19 -23.83 -23.08
C HIS B 158 17.09 -25.03 -22.77
N ARG B 159 18.19 -24.74 -21.89
CA ARG B 159 19.25 -25.70 -21.57
C ARG B 159 19.26 -25.97 -20.06
N ALA B 160 18.05 -26.48 -19.48
CA ALA B 160 17.89 -26.48 -18.03
C ALA B 160 18.69 -27.60 -17.34
N ASP B 161 18.92 -28.68 -18.07
CA ASP B 161 19.84 -29.74 -17.66
C ASP B 161 21.27 -29.23 -17.39
N GLU B 162 21.76 -28.37 -18.28
CA GLU B 162 23.11 -27.83 -18.21
C GLU B 162 23.30 -26.90 -17.01
N LEU B 163 22.30 -26.06 -16.76
CA LEU B 163 22.32 -25.08 -15.68
C LEU B 163 22.31 -25.75 -14.30
N ALA B 164 21.51 -26.81 -14.20
CA ALA B 164 21.45 -27.66 -13.01
C ALA B 164 22.79 -28.28 -12.67
N LEU B 165 23.39 -28.95 -13.65
CA LEU B 165 24.72 -29.58 -13.51
C LEU B 165 25.82 -28.57 -13.13
N ASP B 166 25.72 -27.38 -13.72
CA ASP B 166 26.64 -26.28 -13.42
C ASP B 166 26.49 -25.75 -11.99
N LEU B 167 25.26 -25.62 -11.51
CA LEU B 167 25.02 -25.19 -10.14
C LEU B 167 25.46 -26.21 -9.11
N LEU B 168 25.27 -27.49 -9.43
CA LEU B 168 25.69 -28.59 -8.60
C LEU B 168 27.21 -28.69 -8.45
N ASP B 169 27.94 -28.29 -9.49
CA ASP B 169 29.40 -28.26 -9.48
C ASP B 169 29.99 -27.22 -8.52
N SER B 170 29.32 -26.08 -8.40
CA SER B 170 29.70 -25.05 -7.44
C SER B 170 29.14 -25.33 -6.03
N GLY B 171 28.21 -26.28 -5.95
CA GLY B 171 27.75 -26.81 -4.67
C GLY B 171 26.40 -26.29 -4.25
N ILE B 172 25.75 -25.55 -5.16
CA ILE B 172 24.41 -25.03 -4.95
C ILE B 172 23.39 -26.14 -5.21
N THR B 173 22.64 -26.50 -4.16
CA THR B 173 21.70 -27.63 -4.23
C THR B 173 20.22 -27.22 -4.36
N ALA B 174 19.98 -25.97 -4.76
CA ALA B 174 18.61 -25.50 -5.05
C ALA B 174 18.52 -24.37 -6.07
N LYS B 176 15.57 -21.69 -8.12
CA LYS B 176 14.24 -21.17 -8.43
C LYS B 176 14.08 -20.79 -9.89
N ILE B 177 13.05 -21.34 -10.53
CA ILE B 177 12.73 -21.01 -11.92
C ILE B 177 11.28 -20.52 -12.07
N TRP B 178 10.96 -19.91 -13.21
CA TRP B 178 9.60 -19.43 -13.46
C TRP B 178 9.04 -19.63 -14.88
N PRO B 179 8.98 -20.89 -15.37
CA PRO B 179 8.65 -21.13 -16.78
C PRO B 179 7.17 -20.99 -17.20
N PHE B 180 6.27 -20.75 -16.24
CA PHE B 180 4.83 -20.62 -16.54
C PHE B 180 4.44 -19.17 -16.84
N ASP B 181 5.35 -18.25 -16.54
CA ASP B 181 5.19 -16.81 -16.79
C ASP B 181 4.68 -16.32 -18.15
N PRO B 182 5.22 -16.84 -19.29
CA PRO B 182 4.78 -16.24 -20.56
C PRO B 182 3.37 -16.63 -20.99
N TYR B 183 2.82 -17.68 -20.37
CA TYR B 183 1.49 -18.16 -20.73
C TYR B 183 0.36 -17.44 -20.01
N ALA B 184 0.71 -16.68 -18.97
CA ALA B 184 -0.25 -15.89 -18.20
C ALA B 184 -0.88 -14.73 -18.96
N GLU B 185 -0.06 -13.99 -19.71
CA GLU B 185 -0.46 -12.70 -20.28
C GLU B 185 -1.45 -12.81 -21.45
N ALA B 186 -1.46 -13.97 -22.12
CA ALA B 186 -2.41 -14.24 -23.20
C ALA B 186 -3.85 -14.34 -22.72
N SER B 187 -4.03 -14.79 -21.47
CA SER B 187 -5.35 -15.11 -20.95
C SER B 187 -5.66 -14.40 -19.62
N ASP B 188 -4.82 -13.43 -19.27
CA ASP B 188 -4.85 -12.75 -17.96
C ASP B 188 -4.82 -13.67 -16.74
N GLY B 189 -4.16 -14.83 -16.91
CA GLY B 189 -4.03 -15.83 -15.86
C GLY B 189 -5.28 -16.61 -15.55
N TYR B 190 -6.22 -16.65 -16.50
CA TYR B 190 -7.44 -17.43 -16.32
C TYR B 190 -7.42 -18.74 -17.07
N TYR B 191 -6.39 -18.96 -17.89
CA TYR B 191 -6.35 -20.11 -18.78
C TYR B 191 -4.92 -20.50 -19.15
N ILE B 192 -4.64 -21.79 -19.02
CA ILE B 192 -3.51 -22.42 -19.72
C ILE B 192 -4.00 -23.63 -20.54
N SER B 193 -3.55 -23.72 -21.78
CA SER B 193 -3.84 -24.89 -22.62
C SER B 193 -3.02 -26.08 -22.15
N LYS B 194 -3.52 -27.28 -22.42
CA LYS B 194 -2.87 -28.53 -21.99
C LYS B 194 -1.51 -28.77 -22.65
N SER B 195 -1.33 -28.22 -23.86
CA SER B 195 -0.09 -28.35 -24.60
C SER B 195 0.95 -27.31 -24.18
N ASP B 196 0.48 -26.10 -23.88
CA ASP B 196 1.34 -25.06 -23.28
C ASP B 196 1.82 -25.44 -21.89
N LEU B 197 0.99 -26.19 -21.17
CA LEU B 197 1.34 -26.72 -19.86
C LEU B 197 2.45 -27.74 -19.95
N LYS B 198 2.35 -28.63 -20.93
CA LYS B 198 3.34 -29.68 -21.17
C LYS B 198 4.67 -29.12 -21.68
N ARG B 199 4.62 -27.98 -22.37
CA ARG B 199 5.82 -27.30 -22.86
C ARG B 199 6.48 -26.48 -21.77
N ALA B 200 5.68 -26.00 -20.81
CA ALA B 200 6.21 -25.34 -19.61
C ALA B 200 6.72 -26.34 -18.57
N LEU B 201 6.30 -27.60 -18.68
CA LEU B 201 6.80 -28.68 -17.83
C LEU B 201 8.18 -29.19 -18.24
N GLU B 202 8.58 -28.91 -19.48
CA GLU B 202 9.85 -29.40 -20.04
C GLU B 202 11.15 -28.94 -19.34
N PRO B 203 11.24 -27.68 -18.85
CA PRO B 203 12.27 -27.37 -17.85
C PRO B 203 12.38 -28.26 -16.60
N PHE B 204 11.29 -28.89 -16.17
CA PHE B 204 11.34 -29.77 -15.00
C PHE B 204 11.86 -31.17 -15.31
N GLU B 205 11.53 -31.67 -16.51
CA GLU B 205 11.96 -33.01 -16.93
C GLU B 205 13.44 -33.07 -17.26
N LYS B 206 13.95 -32.01 -17.88
CA LYS B 206 15.37 -31.88 -18.21
C LYS B 206 16.28 -32.01 -16.98
N ILE B 207 15.94 -31.29 -15.91
CA ILE B 207 16.73 -31.34 -14.69
C ILE B 207 16.48 -32.61 -13.85
N ARG B 208 15.31 -33.21 -14.03
CA ARG B 208 15.01 -34.53 -13.46
C ARG B 208 15.96 -35.60 -14.02
N ARG B 209 16.22 -35.54 -15.32
CA ARG B 209 17.17 -36.45 -15.97
C ARG B 209 18.63 -36.15 -15.62
N ALA B 210 18.97 -34.86 -15.52
CA ALA B 210 20.35 -34.43 -15.26
C ALA B 210 20.83 -34.72 -13.83
N VAL B 211 20.19 -34.09 -12.85
CA VAL B 211 20.65 -34.17 -11.46
C VAL B 211 19.73 -34.99 -10.55
N GLY B 212 18.44 -35.02 -10.85
CA GLY B 212 17.46 -35.86 -10.16
C GLY B 212 17.25 -35.49 -8.70
N ASP B 213 17.61 -36.42 -7.82
CA ASP B 213 17.50 -36.28 -6.37
C ASP B 213 18.27 -35.11 -5.76
N LYS B 214 19.34 -34.68 -6.44
CA LYS B 214 20.39 -33.87 -5.82
C LYS B 214 20.01 -32.39 -5.73
N ASP B 216 16.90 -29.46 -5.26
CA ASP B 216 15.54 -28.99 -5.04
C ASP B 216 15.18 -27.91 -6.07
N VAL B 217 13.96 -27.99 -6.60
CA VAL B 217 13.47 -26.99 -7.55
C VAL B 217 12.22 -26.31 -7.00
N VAL B 219 9.29 -23.46 -7.64
CA VAL B 219 8.60 -22.77 -8.73
C VAL B 219 8.14 -21.41 -8.28
N GLU B 220 8.52 -20.39 -9.03
CA GLU B 220 8.01 -19.03 -8.83
C GLU B 220 6.89 -18.78 -9.83
N PHE B 221 5.78 -18.21 -9.37
CA PHE B 221 4.63 -17.99 -10.26
C PHE B 221 4.34 -16.52 -10.50
N HIS B 222 5.00 -15.67 -9.73
CA HIS B 222 4.87 -14.20 -9.80
C HIS B 222 3.48 -13.61 -9.62
N SER B 223 2.60 -14.33 -8.91
CA SER B 223 1.21 -13.91 -8.66
C SER B 223 0.34 -13.79 -9.92
N LEU B 224 0.69 -14.55 -10.96
CA LEU B 224 0.19 -14.29 -12.32
C LEU B 224 -1.09 -15.09 -12.61
N TRP B 225 -1.38 -16.08 -11.79
CA TRP B 225 -2.44 -17.03 -12.09
C TRP B 225 -3.63 -16.87 -11.17
N ASN B 226 -4.82 -17.05 -11.74
CA ASN B 226 -6.02 -17.16 -10.93
C ASN B 226 -6.33 -18.62 -10.65
N LEU B 227 -7.46 -18.90 -10.00
CA LEU B 227 -7.61 -20.17 -9.30
C LEU B 227 -7.65 -21.44 -10.15
N PRO B 228 -8.57 -21.58 -11.12
CA PRO B 228 -8.55 -22.83 -11.92
C PRO B 228 -7.23 -23.20 -12.65
N PRO B 229 -6.58 -22.26 -13.37
CA PRO B 229 -5.31 -22.73 -13.95
C PRO B 229 -4.18 -22.97 -12.95
N ALA B 230 -4.12 -22.19 -11.86
CA ALA B 230 -3.21 -22.49 -10.76
C ALA B 230 -3.31 -23.92 -10.22
N LEU B 231 -4.54 -24.38 -10.02
CA LEU B 231 -4.81 -25.73 -9.54
C LEU B 231 -4.39 -26.78 -10.58
N GLN B 232 -4.70 -26.48 -11.83
CA GLN B 232 -4.35 -27.28 -13.00
C GLN B 232 -2.84 -27.43 -13.16
N ILE B 233 -2.10 -26.34 -12.93
CA ILE B 233 -0.63 -26.36 -12.93
C ILE B 233 -0.06 -27.16 -11.75
N ALA B 234 -0.58 -26.91 -10.55
CA ALA B 234 -0.17 -27.62 -9.33
C ALA B 234 -0.34 -29.14 -9.41
N GLU B 235 -1.46 -29.59 -10.00
CA GLU B 235 -1.70 -31.00 -10.28
C GLU B 235 -0.66 -31.60 -11.25
N ALA B 236 -0.29 -30.84 -12.27
CA ALA B 236 0.73 -31.27 -13.23
C ALA B 236 2.15 -31.34 -12.63
N LEU B 237 2.41 -30.48 -11.64
CA LEU B 237 3.73 -30.39 -11.01
C LEU B 237 3.93 -31.44 -9.90
N ARG B 238 2.85 -32.12 -9.51
CA ARG B 238 2.86 -33.15 -8.47
C ARG B 238 3.88 -34.26 -8.74
N GLU B 239 3.92 -34.71 -9.98
CA GLU B 239 4.87 -35.71 -10.48
C GLU B 239 6.35 -35.38 -10.22
N TYR B 240 6.72 -34.11 -10.35
CA TYR B 240 8.11 -33.68 -10.31
C TYR B 240 8.63 -33.34 -8.91
N GLU B 241 7.79 -33.55 -7.90
CA GLU B 241 8.18 -33.36 -6.49
C GLU B 241 8.95 -32.06 -6.24
N THR B 242 8.35 -30.95 -6.64
CA THR B 242 8.93 -29.61 -6.46
C THR B 242 9.01 -29.22 -4.97
N PHE B 243 9.98 -28.36 -4.66
CA PHE B 243 10.26 -28.02 -3.27
C PHE B 243 9.24 -27.03 -2.68
N TRP B 244 8.84 -26.04 -3.47
CA TRP B 244 7.79 -25.10 -3.09
C TRP B 244 7.12 -24.41 -4.27
N HIS B 245 5.86 -24.01 -4.10
CA HIS B 245 5.16 -23.19 -5.06
C HIS B 245 4.96 -21.77 -4.53
N GLU B 246 5.59 -20.81 -5.20
CA GLU B 246 5.71 -19.46 -4.69
C GLU B 246 4.75 -18.51 -5.41
N ASP B 247 4.05 -17.70 -4.62
CA ASP B 247 3.01 -16.79 -5.08
C ASP B 247 2.15 -17.33 -6.23
N PRO B 248 1.47 -18.48 -6.02
CA PRO B 248 0.80 -19.14 -7.15
C PRO B 248 -0.50 -18.47 -7.58
N ILE B 249 -1.12 -17.72 -6.68
CA ILE B 249 -2.16 -16.75 -7.01
C ILE B 249 -1.77 -15.40 -6.40
N ARG B 250 -2.46 -14.34 -6.79
CA ARG B 250 -2.24 -13.02 -6.22
C ARG B 250 -2.67 -12.94 -4.74
N ASP B 252 -3.98 -10.92 -2.55
CA ASP B 252 -4.78 -9.73 -2.28
C ASP B 252 -5.78 -10.00 -1.16
N SER B 253 -6.80 -10.82 -1.42
CA SER B 253 -7.54 -11.44 -0.33
C SER B 253 -7.11 -12.89 -0.10
N LEU B 254 -6.75 -13.18 1.13
CA LEU B 254 -5.89 -14.32 1.45
C LEU B 254 -6.72 -15.57 1.70
N SER B 255 -7.99 -15.38 2.04
CA SER B 255 -9.02 -16.42 2.12
C SER B 255 -9.05 -17.44 0.97
N SER B 256 -8.58 -17.02 -0.21
CA SER B 256 -8.58 -17.88 -1.39
C SER B 256 -7.44 -18.93 -1.42
N LEU B 257 -6.53 -18.85 -0.46
CA LEU B 257 -5.26 -19.58 -0.56
C LEU B 257 -5.37 -21.05 -0.16
N LYS B 258 -6.26 -21.35 0.78
CA LYS B 258 -6.40 -22.71 1.30
C LYS B 258 -6.90 -23.69 0.25
N ARG B 259 -7.72 -23.18 -0.68
CA ARG B 259 -8.12 -23.92 -1.86
C ARG B 259 -6.95 -24.33 -2.75
N TYR B 260 -5.99 -23.43 -2.95
CA TYR B 260 -4.76 -23.80 -3.63
C TYR B 260 -3.93 -24.82 -2.84
N ALA B 261 -3.68 -24.52 -1.56
CA ALA B 261 -2.82 -25.35 -0.71
C ALA B 261 -3.26 -26.80 -0.62
N GLU B 262 -4.56 -27.02 -0.44
CA GLU B 262 -5.21 -28.34 -0.42
C GLU B 262 -4.85 -29.23 -1.60
N ARG B 263 -4.71 -28.61 -2.78
CA ARG B 263 -4.54 -29.36 -4.03
C ARG B 263 -3.08 -29.44 -4.51
N SER B 264 -2.17 -28.85 -3.74
CA SER B 264 -0.78 -28.76 -4.14
C SER B 264 0.07 -29.64 -3.26
N LEU B 265 0.79 -30.58 -3.88
CA LEU B 265 1.74 -31.44 -3.17
C LEU B 265 2.88 -30.64 -2.57
N ALA B 266 3.51 -29.78 -3.37
CA ALA B 266 4.47 -28.81 -2.85
C ALA B 266 3.79 -27.79 -1.92
N PRO B 267 4.48 -27.44 -0.81
CA PRO B 267 3.96 -26.40 0.07
C PRO B 267 3.98 -25.02 -0.58
N VAL B 268 3.02 -24.18 -0.21
CA VAL B 268 3.03 -22.80 -0.70
C VAL B 268 4.03 -21.90 0.01
N CYS B 269 4.74 -21.13 -0.80
CA CYS B 269 5.66 -20.14 -0.29
C CYS B 269 5.03 -18.78 -0.56
N ALA B 270 4.88 -18.01 0.51
CA ALA B 270 4.17 -16.73 0.42
C ALA B 270 4.71 -15.85 1.54
N SER B 271 4.78 -14.53 1.35
CA SER B 271 4.83 -13.82 0.06
C SER B 271 5.67 -12.56 0.23
N GLU B 272 6.53 -12.30 -0.75
CA GLU B 272 7.31 -11.05 -0.83
C GLU B 272 6.43 -9.80 -0.99
N THR B 273 5.21 -9.98 -1.47
CA THR B 273 4.28 -8.88 -1.69
C THR B 273 3.60 -8.40 -0.41
N LEU B 274 3.62 -9.24 0.63
CA LEU B 274 2.92 -8.96 1.88
C LEU B 274 3.78 -8.14 2.86
N ALA B 275 3.14 -7.23 3.58
CA ALA B 275 3.86 -6.35 4.49
C ALA B 275 3.40 -6.49 5.93
N THR B 276 4.36 -6.39 6.86
CA THR B 276 4.14 -6.30 8.33
C THR B 276 3.60 -7.56 9.01
N ARG B 277 3.59 -7.53 10.35
CA ARG B 277 3.02 -8.59 11.17
C ARG B 277 1.55 -8.83 10.83
N TRP B 278 0.84 -7.74 10.56
CA TRP B 278 -0.56 -7.75 10.19
C TRP B 278 -0.88 -8.47 8.86
N GLY B 279 -0.07 -8.22 7.84
CA GLY B 279 -0.14 -8.99 6.60
C GLY B 279 0.18 -10.46 6.81
N PHE B 280 1.09 -10.74 7.73
CA PHE B 280 1.50 -12.12 8.01
C PHE B 280 0.64 -12.87 9.01
N ARG B 281 0.04 -12.17 9.97
CA ARG B 281 -1.10 -12.72 10.73
C ARG B 281 -2.20 -13.24 9.80
N ASP B 282 -2.54 -12.45 8.79
CA ASP B 282 -3.60 -12.77 7.83
C ASP B 282 -3.27 -14.02 7.05
N LEU B 283 -2.01 -14.14 6.63
CA LEU B 283 -1.49 -15.34 5.97
C LEU B 283 -1.46 -16.57 6.87
N LEU B 284 -1.04 -16.38 8.12
CA LEU B 284 -0.91 -17.50 9.05
C LEU B 284 -2.26 -18.07 9.47
N GLU B 285 -3.26 -17.20 9.53
CA GLU B 285 -4.65 -17.58 9.76
C GLU B 285 -5.31 -18.48 8.71
N THR B 286 -4.82 -18.42 7.45
CA THR B 286 -5.37 -19.27 6.38
C THR B 286 -5.09 -20.77 6.57
N ASN B 287 -4.04 -21.09 7.33
CA ASN B 287 -3.45 -22.43 7.43
C ASN B 287 -3.04 -23.05 6.09
N ALA B 288 -2.51 -22.21 5.20
CA ALA B 288 -2.28 -22.57 3.81
C ALA B 288 -0.81 -22.46 3.42
N ALA B 289 -0.06 -21.61 4.10
CA ALA B 289 1.35 -21.44 3.78
C ALA B 289 2.20 -22.52 4.41
N GLY B 290 3.22 -22.96 3.68
CA GLY B 290 4.24 -23.85 4.22
C GLY B 290 5.54 -23.12 4.51
N ILE B 291 5.89 -22.17 3.66
CA ILE B 291 7.09 -21.36 3.86
C ILE B 291 6.69 -19.90 3.89
N VAL B 292 7.08 -19.22 4.95
CA VAL B 292 6.83 -17.79 5.07
C VAL B 292 7.95 -17.03 4.37
N LEU B 294 9.42 -13.37 2.58
CA LEU B 294 9.63 -12.13 3.30
C LEU B 294 10.66 -11.36 2.50
N ASP B 295 10.35 -10.12 2.13
CA ASP B 295 11.38 -9.20 1.66
C ASP B 295 11.53 -8.06 2.63
N ILE B 296 12.71 -7.90 3.23
CA ILE B 296 12.92 -6.85 4.24
C ILE B 296 12.80 -5.41 3.74
N SER B 297 12.96 -5.19 2.45
CA SER B 297 12.75 -3.86 1.87
C SER B 297 11.31 -3.58 1.46
N TRP B 298 10.45 -4.59 1.50
CA TRP B 298 9.05 -4.42 1.10
C TRP B 298 8.08 -4.64 2.26
N CYS B 299 8.56 -5.21 3.37
CA CYS B 299 7.68 -5.74 4.41
C CYS B 299 7.60 -4.89 5.68
N GLY B 300 8.41 -3.85 5.79
CA GLY B 300 8.43 -3.00 6.98
C GLY B 300 9.78 -2.97 7.68
N GLY B 301 10.80 -3.47 7.01
CA GLY B 301 12.16 -3.31 7.50
C GLY B 301 12.59 -4.54 8.27
N LEU B 302 13.79 -4.49 8.86
CA LEU B 302 14.24 -5.56 9.74
C LEU B 302 13.38 -5.63 11.00
N SER B 303 12.93 -4.47 11.47
CA SER B 303 11.94 -4.35 12.54
C SER B 303 10.72 -5.27 12.44
N GLU B 304 10.03 -5.24 11.30
CA GLU B 304 8.89 -6.13 11.09
C GLU B 304 9.34 -7.56 10.79
N ALA B 305 10.35 -7.71 9.95
CA ALA B 305 10.87 -9.02 9.55
C ALA B 305 11.47 -9.87 10.67
N ARG B 306 12.08 -9.22 11.67
CA ARG B 306 12.41 -9.85 12.98
C ARG B 306 11.24 -10.67 13.49
N LYS B 307 10.08 -10.02 13.49
CA LYS B 307 8.97 -10.34 14.34
C LYS B 307 8.07 -11.31 13.58
N ILE B 308 7.97 -11.09 12.28
CA ILE B 308 7.34 -12.04 11.36
C ILE B 308 7.99 -13.42 11.44
N ALA B 309 9.33 -13.45 11.44
CA ALA B 309 10.09 -14.69 11.57
C ALA B 309 9.78 -15.45 12.85
N SER B 310 9.71 -14.72 13.96
CA SER B 310 9.47 -15.32 15.26
C SER B 310 8.01 -15.75 15.46
N ALA B 312 6.15 -16.82 12.68
CA ALA B 312 6.11 -18.00 11.81
C ALA B 312 6.63 -19.28 12.47
N GLU B 313 7.61 -19.13 13.38
CA GLU B 313 8.15 -20.26 14.15
C GLU B 313 7.09 -20.89 15.05
N ALA B 314 6.24 -20.04 15.65
CA ALA B 314 5.08 -20.52 16.43
C ALA B 314 4.04 -21.33 15.63
N TRP B 315 4.06 -21.19 14.30
CA TRP B 315 3.18 -21.99 13.43
C TRP B 315 3.97 -23.13 12.75
N HIS B 316 5.20 -23.35 13.23
CA HIS B 316 6.10 -24.42 12.79
C HIS B 316 6.54 -24.23 11.35
N LEU B 317 6.65 -22.96 10.94
CA LEU B 317 6.98 -22.63 9.56
C LEU B 317 8.37 -22.01 9.46
N PRO B 318 9.11 -22.38 8.40
CA PRO B 318 10.37 -21.68 8.10
C PRO B 318 10.20 -20.39 7.34
N VAL B 319 11.05 -19.42 7.67
CA VAL B 319 11.22 -18.21 6.85
C VAL B 319 12.32 -18.37 5.80
N ALA B 320 12.03 -17.91 4.59
CA ALA B 320 13.04 -17.73 3.55
C ALA B 320 13.04 -16.28 3.07
N PRO B 321 14.03 -15.48 3.51
CA PRO B 321 14.14 -14.08 3.07
C PRO B 321 14.46 -13.90 1.58
N HIS B 322 13.77 -12.94 0.96
CA HIS B 322 13.87 -12.61 -0.45
C HIS B 322 15.06 -11.69 -0.69
N ASP B 323 15.87 -12.02 -1.71
CA ASP B 323 16.69 -11.02 -2.38
C ASP B 323 16.25 -10.81 -3.82
N CYS B 324 16.99 -11.41 -4.76
CA CYS B 324 16.99 -11.04 -6.19
C CYS B 324 17.03 -9.52 -6.50
N THR B 325 17.55 -8.70 -5.59
CA THR B 325 17.49 -7.25 -5.75
C THR B 325 18.87 -6.61 -5.53
N GLY B 326 18.93 -5.57 -4.72
CA GLY B 326 20.20 -4.87 -4.47
C GLY B 326 21.09 -5.56 -3.44
N PRO B 327 22.38 -5.15 -3.37
CA PRO B 327 23.37 -5.77 -2.48
C PRO B 327 23.12 -5.56 -0.98
N VAL B 328 22.52 -4.41 -0.61
CA VAL B 328 22.30 -4.09 0.80
C VAL B 328 21.20 -4.96 1.38
N VAL B 329 20.15 -5.18 0.57
CA VAL B 329 19.07 -6.11 0.91
C VAL B 329 19.56 -7.54 1.10
N LEU B 330 20.44 -8.00 0.19
CA LEU B 330 21.03 -9.35 0.28
C LEU B 330 21.84 -9.54 1.57
N THR B 331 22.46 -8.46 2.02
CA THR B 331 23.35 -8.48 3.17
C THR B 331 22.53 -8.49 4.45
N ALA B 332 21.56 -7.58 4.52
CA ALA B 332 20.63 -7.47 5.63
C ALA B 332 19.76 -8.72 5.83
N SER B 333 19.35 -9.35 4.72
CA SER B 333 18.59 -10.60 4.77
C SER B 333 19.45 -11.72 5.32
N THR B 334 20.73 -11.71 4.98
CA THR B 334 21.66 -12.75 5.41
C THR B 334 21.92 -12.65 6.92
N HIS B 335 22.04 -11.42 7.41
CA HIS B 335 21.93 -11.13 8.84
C HIS B 335 20.69 -11.75 9.49
N LEU B 336 19.51 -11.55 8.88
CA LEU B 336 18.26 -12.16 9.38
C LEU B 336 18.30 -13.69 9.33
N SER B 337 18.81 -14.22 8.22
CA SER B 337 18.90 -15.65 8.00
C SER B 337 19.89 -16.34 8.94
N LEU B 338 20.84 -15.57 9.47
CA LEU B 338 21.79 -16.08 10.44
C LEU B 338 21.19 -16.06 11.84
N ASN B 339 20.39 -15.04 12.11
CA ASN B 339 19.75 -14.92 13.41
C ASN B 339 18.59 -15.88 13.64
N ALA B 340 17.67 -15.95 12.68
CA ALA B 340 16.40 -16.64 12.89
C ALA B 340 16.57 -18.15 13.02
N PRO B 341 16.13 -18.73 14.16
CA PRO B 341 16.15 -20.18 14.36
C PRO B 341 15.35 -20.94 13.30
N ASN B 342 14.32 -20.30 12.74
CA ASN B 342 13.53 -20.90 11.66
C ASN B 342 13.91 -20.52 10.23
N ALA B 343 15.06 -19.88 10.02
CA ALA B 343 15.52 -19.61 8.66
C ALA B 343 15.87 -20.88 7.86
N LEU B 344 15.41 -20.95 6.62
CA LEU B 344 15.50 -22.18 5.81
C LEU B 344 16.62 -22.04 4.79
N VAL B 345 16.46 -21.06 3.91
CA VAL B 345 17.44 -20.75 2.87
C VAL B 345 17.52 -19.24 2.76
N GLN B 346 18.61 -18.77 2.17
CA GLN B 346 18.72 -17.38 1.75
C GLN B 346 18.85 -17.31 0.24
N GLU B 347 17.85 -16.70 -0.40
CA GLU B 347 17.91 -16.35 -1.82
C GLU B 347 19.17 -15.57 -2.18
N SER B 348 19.85 -16.00 -3.23
CA SER B 348 20.88 -15.21 -3.88
C SER B 348 20.88 -15.45 -5.38
N VAL B 349 21.43 -14.50 -6.13
CA VAL B 349 21.53 -14.59 -7.59
C VAL B 349 23.00 -14.43 -8.00
N ARG B 350 23.58 -15.49 -8.58
CA ARG B 350 25.02 -15.52 -8.86
C ARG B 350 25.48 -14.49 -9.90
N ALA B 351 24.63 -14.22 -10.88
CA ALA B 351 24.83 -13.13 -11.84
C ALA B 351 24.84 -11.74 -11.21
N PHE B 352 24.37 -11.64 -9.98
CA PHE B 352 24.30 -10.36 -9.27
C PHE B 352 25.55 -10.20 -8.38
N TYR B 353 25.80 -11.18 -7.52
CA TYR B 353 26.94 -11.11 -6.59
C TYR B 353 28.33 -11.36 -7.16
N ASP B 354 28.42 -12.16 -8.22
CA ASP B 354 29.65 -12.22 -9.03
C ASP B 354 29.68 -11.14 -10.11
N GLY B 355 28.53 -10.52 -10.37
CA GLY B 355 28.40 -9.51 -11.40
C GLY B 355 28.32 -8.10 -10.84
N TRP B 356 27.19 -7.44 -11.06
CA TRP B 356 27.06 -5.99 -10.91
C TRP B 356 27.08 -5.43 -9.49
N TYR B 357 27.07 -6.31 -8.48
CA TYR B 357 27.16 -5.90 -7.07
C TYR B 357 28.58 -5.40 -6.75
N ARG B 358 29.57 -5.95 -7.43
CA ARG B 358 30.97 -5.94 -6.99
C ARG B 358 31.58 -4.54 -6.96
N ASP B 359 31.11 -3.67 -7.85
CA ASP B 359 31.67 -2.34 -8.02
C ASP B 359 31.12 -1.36 -6.99
N LEU B 360 29.98 -1.69 -6.41
CA LEU B 360 29.14 -0.69 -5.75
C LEU B 360 29.38 -0.59 -4.26
N VAL B 361 29.84 -1.67 -3.64
CA VAL B 361 29.98 -1.72 -2.19
C VAL B 361 31.32 -2.27 -1.71
N THR B 362 31.68 -1.89 -0.48
CA THR B 362 32.99 -2.16 0.12
C THR B 362 33.23 -3.64 0.44
N ALA B 363 32.15 -4.39 0.62
CA ALA B 363 32.20 -5.82 0.96
C ALA B 363 30.90 -6.49 0.52
N LEU B 364 30.96 -7.79 0.29
CA LEU B 364 29.78 -8.56 -0.10
C LEU B 364 29.65 -9.81 0.76
N PRO B 365 28.39 -10.28 0.98
CA PRO B 365 28.15 -11.65 1.42
C PRO B 365 28.86 -12.70 0.59
N THR B 366 29.51 -13.64 1.27
CA THR B 366 30.39 -14.60 0.62
C THR B 366 29.62 -15.90 0.36
N VAL B 367 29.57 -16.31 -0.89
CA VAL B 367 28.98 -17.59 -1.26
C VAL B 367 30.06 -18.65 -1.52
N LYS B 368 30.07 -19.68 -0.67
CA LYS B 368 30.94 -20.84 -0.84
C LYS B 368 30.23 -22.14 -0.46
N ASP B 369 30.35 -23.14 -1.33
CA ASP B 369 29.77 -24.49 -1.16
C ASP B 369 28.26 -24.54 -0.98
N GLY B 370 27.55 -23.73 -1.77
CA GLY B 370 26.09 -23.63 -1.70
C GLY B 370 25.58 -22.96 -0.44
N HIS B 371 26.45 -22.17 0.19
CA HIS B 371 26.17 -21.59 1.51
C HIS B 371 26.68 -20.15 1.55
N ILE B 372 25.97 -19.29 2.29
CA ILE B 372 26.19 -17.85 2.27
C ILE B 372 26.31 -17.32 3.72
N THR B 373 27.15 -16.29 3.90
CA THR B 373 27.36 -15.66 5.20
C THR B 373 27.54 -14.15 5.05
N VAL B 374 27.62 -13.42 6.17
CA VAL B 374 27.73 -11.96 6.12
C VAL B 374 29.19 -11.50 5.88
N PRO B 375 29.37 -10.28 5.33
CA PRO B 375 30.64 -9.58 5.54
C PRO B 375 30.89 -9.24 7.01
N ASP B 376 32.15 -9.32 7.44
CA ASP B 376 32.55 -8.98 8.80
C ASP B 376 32.34 -7.51 9.14
N GLY B 377 31.99 -7.25 10.39
CA GLY B 377 32.04 -5.90 10.94
C GLY B 377 30.70 -5.42 11.43
N PRO B 378 30.69 -4.28 12.15
CA PRO B 378 29.50 -3.73 12.78
C PRO B 378 28.43 -3.32 11.77
N GLY B 379 27.17 -3.29 12.22
CA GLY B 379 26.02 -3.09 11.33
C GLY B 379 25.89 -4.12 10.23
N LEU B 380 25.59 -3.64 9.02
CA LEU B 380 25.59 -4.47 7.81
C LEU B 380 26.96 -5.09 7.51
N GLY B 381 28.03 -4.35 7.79
CA GLY B 381 29.38 -4.78 7.46
C GLY B 381 29.78 -4.42 6.04
N LEU B 382 29.02 -3.53 5.43
CA LEU B 382 29.43 -2.83 4.22
C LEU B 382 29.02 -1.37 4.26
N GLU B 383 29.68 -0.56 3.44
CA GLU B 383 29.18 0.74 3.01
C GLU B 383 29.13 0.75 1.48
N LEU B 384 28.48 1.76 0.92
CA LEU B 384 28.72 2.15 -0.46
C LEU B 384 30.19 2.56 -0.65
N PRO B 386 33.27 4.68 -1.60
CA PRO B 386 33.44 6.10 -1.29
C PRO B 386 33.47 7.02 -2.52
N ASP B 387 33.69 6.44 -3.70
CA ASP B 387 33.67 7.18 -4.96
C ASP B 387 32.46 6.85 -5.85
N ILE B 388 31.33 6.52 -5.22
CA ILE B 388 30.17 5.94 -5.92
C ILE B 388 29.51 6.90 -6.91
N ARG B 389 29.53 8.19 -6.59
CA ARG B 389 28.94 9.25 -7.43
C ARG B 389 29.73 9.48 -8.72
N GLU B 390 30.93 8.91 -8.81
CA GLU B 390 31.82 9.07 -9.95
C GLU B 390 31.72 7.92 -10.95
N ARG B 391 31.69 6.69 -10.44
CA ARG B 391 31.50 5.49 -11.27
C ARG B 391 30.08 5.43 -11.87
N LEU B 392 29.11 5.92 -11.10
CA LEU B 392 27.70 5.81 -11.46
C LEU B 392 27.09 7.20 -11.55
N THR B 393 26.18 7.38 -12.51
CA THR B 393 25.36 8.58 -12.57
C THR B 393 24.21 8.50 -11.56
N ILE B 394 24.32 9.28 -10.48
CA ILE B 394 23.45 9.12 -9.34
C ILE B 394 22.68 10.41 -9.06
N ALA B 395 21.36 10.35 -9.19
CA ALA B 395 20.50 11.46 -8.80
C ALA B 395 20.34 11.49 -7.28
N VAL B 396 20.88 12.52 -6.65
CA VAL B 396 20.82 12.66 -5.21
C VAL B 396 19.73 13.64 -4.77
N ARG B 397 19.19 13.40 -3.58
CA ARG B 397 18.31 14.35 -2.93
C ARG B 397 18.59 14.31 -1.43
N ASN B 398 18.39 15.45 -0.77
CA ASN B 398 18.88 15.68 0.58
C ASN B 398 17.80 16.38 1.41
N THR B 399 17.70 16.00 2.68
CA THR B 399 16.88 16.73 3.64
C THR B 399 17.61 16.76 4.98
N SER B 400 17.51 17.89 5.69
CA SER B 400 18.32 18.12 6.90
C SER B 400 17.67 19.05 7.94
N ASP B 401 18.44 19.35 9.00
CA ASP B 401 18.04 20.33 10.02
C ASP B 401 17.99 21.75 9.43
#